data_5RMJ
#
_entry.id   5RMJ
#
_cell.length_a   58.840
_cell.length_b   70.136
_cell.length_c   85.256
_cell.angle_alpha   103.140
_cell.angle_beta   95.740
_cell.angle_gamma   112.260
#
_symmetry.space_group_name_H-M   'P 1'
#
loop_
_entity.id
_entity.type
_entity.pdbx_description
1 polymer Helicase
2 non-polymer 3-chloro-N-(1-hydroxy-2-methylpropan-2-yl)benzamide
3 non-polymer 'ZINC ION'
4 non-polymer 'PHOSPHATE ION'
5 water water
#
_entity_poly.entity_id   1
_entity_poly.type   'polypeptide(L)'
_entity_poly.pdbx_seq_one_letter_code
;AVGACVLCNSQTSLRCGACIRRPFLCCKCCYDHVISTSHKLVLSVNPYVCNAPGCDVTDVTQLYLGGMSYYCKSHKPPIS
FPLCANGQVFGLYKNTCVGSDNVTDFNAIATCDWTNAGDYILANTCTERLKLFAAETLKATEETFKLSYGIATVREVLSD
RELHLSWEVGKPRPPLNRNYVFTGYRVTKNSKVQIGEYTFEKGDYGDAVVYRGTTTYKLNVGDYFVLTSHTVMPLSAPTL
VPQEHYVRITGLYPTLNISDEFSSNVANYQKVGMQKYSTLQGPPGTGKSHFAIGLALYYPSARIVYTACSHAAVDALCEK
ALKYLPIDKCSRIIPARARVECFDKFKVNSTLEQYVFCTVNALPETTADIVVFDEISMATNYDLSVVNARLRAKHYVYIG
DPAQLPAPRTLLTKGTLEPEYFNSVCRLMKTIGPDMFLGTCRRCPAEIVDTVSALVYDNKLKAHKDKSAQCFKMFYKGVI
THDVSSAINRPQIGVVREFLTRNPAWRKAVFISPYNSQNAVASKILGLPTQTVDSSQGSEYDYVIFTQTTETAHSCNVNR
FNVAITRAKVGILCIMSDRDLYDKLQFTSLEIPRRNVATLQ
;
_entity_poly.pdbx_strand_id   B,A
#
loop_
_chem_comp.id
_chem_comp.type
_chem_comp.name
_chem_comp.formula
JOV non-polymer 3-chloro-N-(1-hydroxy-2-methylpropan-2-yl)benzamide 'C11 H14 Cl N O2'
PO4 non-polymer 'PHOSPHATE ION' 'O4 P -3'
ZN non-polymer 'ZINC ION' 'Zn 2'
#
# COMPACT_ATOMS: atom_id res chain seq x y z
N VAL A 2 -10.95 22.09 -10.19
CA VAL A 2 -10.17 22.87 -11.21
C VAL A 2 -9.00 22.00 -11.69
N GLY A 3 -8.56 22.13 -12.96
CA GLY A 3 -7.51 21.28 -13.55
C GLY A 3 -7.01 21.79 -14.89
N ALA A 4 -6.74 20.87 -15.82
CA ALA A 4 -5.98 21.09 -17.07
C ALA A 4 -6.65 20.38 -18.27
N CYS A 5 -7.05 21.15 -19.26
CA CYS A 5 -7.63 20.64 -20.52
C CYS A 5 -6.63 19.70 -21.21
N VAL A 6 -6.87 18.39 -21.11
CA VAL A 6 -6.04 17.30 -21.71
C VAL A 6 -5.67 17.63 -23.17
N LEU A 7 -6.41 18.49 -23.88
CA LEU A 7 -6.09 18.85 -25.30
C LEU A 7 -5.29 20.15 -25.38
N CYS A 8 -5.71 21.18 -24.64
CA CYS A 8 -5.15 22.56 -24.66
C CYS A 8 -4.17 22.76 -23.51
N ASN A 9 -4.45 22.13 -22.37
CA ASN A 9 -3.77 22.35 -21.07
C ASN A 9 -4.40 23.57 -20.41
N SER A 10 -4.98 24.45 -21.24
CA SER A 10 -5.87 25.56 -20.82
C SER A 10 -6.47 25.24 -19.45
N GLN A 11 -6.20 26.07 -18.44
CA GLN A 11 -6.72 25.92 -17.05
C GLN A 11 -8.25 26.00 -17.10
N THR A 12 -8.97 25.09 -16.44
CA THR A 12 -10.45 24.97 -16.55
C THR A 12 -11.07 24.31 -15.32
N SER A 13 -12.37 24.53 -15.13
CA SER A 13 -13.19 24.03 -13.98
C SER A 13 -14.19 22.97 -14.45
N LEU A 14 -13.99 22.42 -15.64
CA LEU A 14 -14.95 21.48 -16.30
C LEU A 14 -14.31 20.09 -16.40
N ARG A 15 -15.03 19.06 -15.95
CA ARG A 15 -14.76 17.63 -16.31
C ARG A 15 -16.00 17.01 -16.95
N CYS A 16 -15.81 16.26 -18.04
CA CYS A 16 -16.87 15.44 -18.67
C CYS A 16 -17.33 14.39 -17.67
N GLY A 17 -18.61 14.38 -17.34
CA GLY A 17 -19.18 13.38 -16.41
C GLY A 17 -19.47 12.05 -17.10
N ALA A 18 -19.46 11.99 -18.45
CA ALA A 18 -19.77 10.78 -19.24
C ALA A 18 -18.46 10.00 -19.57
N CYS A 19 -17.32 10.68 -19.64
CA CYS A 19 -15.97 10.05 -19.68
C CYS A 19 -15.72 9.34 -18.35
N ILE A 20 -15.38 8.04 -18.41
CA ILE A 20 -15.18 7.20 -17.19
C ILE A 20 -14.01 7.79 -16.38
N ARG A 21 -13.09 8.52 -17.01
CA ARG A 21 -11.92 9.12 -16.32
C ARG A 21 -12.24 10.54 -15.82
N ARG A 22 -13.37 11.10 -16.26
CA ARG A 22 -13.78 12.50 -15.98
C ARG A 22 -12.65 13.48 -16.22
N PRO A 23 -12.07 13.53 -17.43
CA PRO A 23 -10.98 14.45 -17.70
C PRO A 23 -11.44 15.89 -17.42
N PHE A 24 -10.51 16.79 -17.13
CA PHE A 24 -10.72 18.25 -17.27
C PHE A 24 -10.74 18.59 -18.75
N LEU A 25 -11.80 19.30 -19.17
CA LEU A 25 -11.90 19.93 -20.51
C LEU A 25 -12.15 21.44 -20.32
N CYS A 26 -11.42 22.27 -21.07
CA CYS A 26 -11.58 23.76 -21.14
C CYS A 26 -12.85 24.09 -21.94
N CYS A 27 -13.56 25.10 -21.49
CA CYS A 27 -14.76 25.67 -22.15
C CYS A 27 -14.75 25.33 -23.64
N LYS A 28 -13.67 25.61 -24.36
CA LYS A 28 -13.61 25.33 -25.81
C LYS A 28 -13.76 23.82 -25.96
N CYS A 29 -12.84 23.07 -25.36
CA CYS A 29 -12.65 21.60 -25.58
C CYS A 29 -13.88 20.86 -25.02
N CYS A 30 -14.38 21.31 -23.86
CA CYS A 30 -15.59 20.74 -23.22
C CYS A 30 -16.82 20.84 -24.13
N TYR A 31 -16.99 21.98 -24.82
CA TYR A 31 -18.04 22.28 -25.85
C TYR A 31 -17.83 21.37 -27.07
N ASP A 32 -16.64 21.44 -27.68
CA ASP A 32 -16.27 20.65 -28.90
C ASP A 32 -16.52 19.18 -28.61
N HIS A 33 -16.30 18.74 -27.36
CA HIS A 33 -16.48 17.34 -26.92
C HIS A 33 -17.97 17.01 -26.84
N VAL A 34 -18.76 17.79 -26.09
CA VAL A 34 -20.22 17.50 -25.88
C VAL A 34 -21.02 17.56 -27.20
N ILE A 35 -20.77 18.53 -28.10
CA ILE A 35 -21.62 18.71 -29.33
C ILE A 35 -21.25 17.70 -30.41
N SER A 36 -20.12 17.01 -30.30
CA SER A 36 -19.61 16.10 -31.36
C SER A 36 -19.63 14.64 -30.89
N THR A 37 -20.14 14.36 -29.68
CA THR A 37 -20.34 12.99 -29.11
C THR A 37 -21.64 12.94 -28.31
N SER A 38 -22.02 11.75 -27.86
CA SER A 38 -23.14 11.47 -26.93
C SER A 38 -22.81 11.93 -25.51
N HIS A 39 -21.56 12.25 -25.20
CA HIS A 39 -21.20 12.68 -23.83
C HIS A 39 -21.89 14.02 -23.57
N LYS A 40 -22.94 14.09 -22.73
CA LYS A 40 -23.64 15.38 -22.44
C LYS A 40 -23.69 15.72 -20.94
N LEU A 41 -23.25 14.85 -20.03
CA LEU A 41 -23.24 15.22 -18.58
C LEU A 41 -21.92 15.90 -18.28
N VAL A 42 -21.93 17.11 -17.72
CA VAL A 42 -20.73 17.96 -17.50
C VAL A 42 -20.58 18.23 -16.00
N LEU A 43 -19.37 18.07 -15.46
CA LEU A 43 -19.04 18.28 -14.02
C LEU A 43 -18.09 19.47 -13.90
N SER A 44 -18.40 20.39 -12.98
CA SER A 44 -17.54 21.54 -12.59
C SER A 44 -17.05 21.36 -11.15
N VAL A 45 -17.02 22.45 -10.38
CA VAL A 45 -17.03 22.45 -8.88
C VAL A 45 -18.38 21.82 -8.46
N ASN A 46 -19.35 21.79 -9.37
CA ASN A 46 -20.62 21.04 -9.23
C ASN A 46 -20.94 20.31 -10.54
N PRO A 47 -21.99 19.44 -10.55
CA PRO A 47 -22.51 18.83 -11.77
C PRO A 47 -23.61 19.66 -12.49
N TYR A 48 -23.33 20.06 -13.73
CA TYR A 48 -24.32 20.73 -14.63
C TYR A 48 -25.45 19.73 -14.85
N VAL A 49 -26.39 19.73 -13.92
CA VAL A 49 -27.62 18.89 -13.94
C VAL A 49 -28.76 19.83 -13.51
N CYS A 50 -30.02 19.52 -13.82
CA CYS A 50 -31.15 20.43 -13.48
C CYS A 50 -31.47 20.35 -11.98
N ASN A 51 -31.04 21.36 -11.20
CA ASN A 51 -31.32 21.49 -9.74
C ASN A 51 -32.80 21.85 -9.55
N ALA A 52 -33.70 21.22 -10.30
CA ALA A 52 -35.18 21.31 -10.13
C ALA A 52 -35.64 20.03 -9.45
N PRO A 53 -36.73 20.06 -8.67
CA PRO A 53 -37.20 18.90 -7.91
C PRO A 53 -37.83 17.81 -8.80
N GLY A 54 -37.13 16.68 -8.95
CA GLY A 54 -37.54 15.53 -9.79
C GLY A 54 -37.65 15.92 -11.25
N CYS A 55 -36.56 16.41 -11.86
CA CYS A 55 -36.33 16.56 -13.33
C CYS A 55 -35.03 15.84 -13.72
N ASP A 56 -35.08 15.04 -14.79
CA ASP A 56 -34.00 14.09 -15.19
C ASP A 56 -33.14 14.71 -16.30
N VAL A 57 -33.13 16.04 -16.46
CA VAL A 57 -32.28 16.69 -17.50
C VAL A 57 -30.85 16.80 -16.94
N THR A 58 -29.95 16.05 -17.59
CA THR A 58 -28.48 16.02 -17.36
C THR A 58 -27.77 16.67 -18.54
N ASP A 59 -28.29 16.49 -19.77
CA ASP A 59 -27.72 17.03 -21.04
C ASP A 59 -27.41 18.52 -20.88
N VAL A 60 -26.13 18.89 -20.83
CA VAL A 60 -25.64 20.28 -20.62
C VAL A 60 -26.21 21.23 -21.70
N THR A 61 -26.51 20.71 -22.90
CA THR A 61 -27.01 21.52 -24.03
C THR A 61 -28.46 21.97 -23.76
N GLN A 62 -29.15 21.31 -22.83
CA GLN A 62 -30.57 21.58 -22.50
C GLN A 62 -30.67 22.22 -21.11
N LEU A 63 -29.64 22.91 -20.63
CA LEU A 63 -29.58 23.49 -19.26
C LEU A 63 -29.16 24.96 -19.28
N TYR A 64 -29.55 25.69 -18.23
CA TYR A 64 -29.36 27.16 -18.06
C TYR A 64 -29.04 27.47 -16.60
N LEU A 65 -28.01 28.29 -16.37
CA LEU A 65 -27.67 28.92 -15.06
C LEU A 65 -28.70 30.01 -14.75
N GLY A 66 -29.59 29.74 -13.78
CA GLY A 66 -30.67 30.64 -13.36
C GLY A 66 -30.58 31.02 -11.88
N GLY A 67 -29.74 32.00 -11.56
CA GLY A 67 -29.25 32.30 -10.20
C GLY A 67 -27.80 31.84 -10.05
N MET A 68 -27.54 30.94 -9.09
CA MET A 68 -26.31 30.12 -8.99
C MET A 68 -26.69 28.64 -9.04
N SER A 69 -27.94 28.34 -9.42
CA SER A 69 -28.53 26.98 -9.55
C SER A 69 -28.95 26.69 -11.00
N TYR A 70 -28.60 25.52 -11.51
CA TYR A 70 -28.75 25.13 -12.93
C TYR A 70 -30.18 24.59 -13.13
N TYR A 71 -30.77 24.83 -14.31
CA TYR A 71 -32.13 24.37 -14.68
C TYR A 71 -32.19 24.05 -16.17
N CYS A 72 -33.06 23.11 -16.54
CA CYS A 72 -33.47 22.82 -17.95
C CYS A 72 -34.45 23.90 -18.42
N LYS A 73 -34.89 23.80 -19.69
CA LYS A 73 -35.77 24.80 -20.35
C LYS A 73 -37.07 24.95 -19.55
N SER A 74 -37.67 23.83 -19.11
CA SER A 74 -39.02 23.74 -18.48
C SER A 74 -39.06 24.35 -17.07
N HIS A 75 -37.91 24.42 -16.37
CA HIS A 75 -37.85 24.74 -14.93
C HIS A 75 -37.06 26.02 -14.69
N LYS A 76 -36.54 26.65 -15.75
CA LYS A 76 -35.52 27.71 -15.56
C LYS A 76 -36.26 28.95 -15.05
N PRO A 77 -35.57 29.85 -14.31
CA PRO A 77 -36.13 31.17 -14.00
C PRO A 77 -36.22 32.06 -15.24
N PRO A 78 -36.79 33.27 -15.11
CA PRO A 78 -36.87 34.20 -16.24
C PRO A 78 -35.49 34.72 -16.69
N ILE A 79 -34.65 35.11 -15.73
CA ILE A 79 -33.22 35.53 -15.95
C ILE A 79 -32.34 34.28 -15.80
N SER A 80 -31.74 33.85 -16.91
CA SER A 80 -30.86 32.66 -17.06
C SER A 80 -30.16 32.71 -18.41
N PHE A 81 -28.87 32.37 -18.47
CA PHE A 81 -28.13 32.15 -19.74
C PHE A 81 -27.90 30.65 -19.89
N PRO A 82 -27.81 30.11 -21.13
CA PRO A 82 -27.58 28.68 -21.32
C PRO A 82 -26.21 28.32 -20.74
N LEU A 83 -25.98 27.04 -20.41
CA LEU A 83 -24.69 26.57 -19.85
C LEU A 83 -23.72 26.27 -20.99
N CYS A 84 -24.25 25.97 -22.17
CA CYS A 84 -23.51 25.43 -23.34
C CYS A 84 -23.99 26.12 -24.62
N ALA A 85 -23.37 27.25 -24.95
CA ALA A 85 -23.65 28.06 -26.16
C ALA A 85 -22.43 28.93 -26.42
N ASN A 86 -22.25 29.39 -27.67
CA ASN A 86 -21.14 30.31 -28.05
C ASN A 86 -19.82 29.54 -28.17
N GLY A 87 -19.84 28.32 -28.69
CA GLY A 87 -18.64 27.48 -28.86
C GLY A 87 -17.94 27.18 -27.53
N GLN A 88 -18.56 27.54 -26.42
CA GLN A 88 -17.99 27.33 -25.08
C GLN A 88 -19.07 26.90 -24.08
N VAL A 89 -18.73 25.94 -23.22
CA VAL A 89 -19.57 25.52 -22.06
C VAL A 89 -19.13 26.34 -20.85
N PHE A 90 -20.04 26.62 -19.93
CA PHE A 90 -19.86 27.66 -18.90
C PHE A 90 -19.15 27.13 -17.63
N GLY A 91 -18.03 27.76 -17.25
CA GLY A 91 -17.33 27.55 -15.97
C GLY A 91 -16.30 28.63 -15.71
N LEU A 92 -15.37 28.41 -14.77
CA LEU A 92 -14.25 29.33 -14.43
C LEU A 92 -13.22 29.36 -15.56
N TYR A 93 -12.40 30.41 -15.58
CA TYR A 93 -11.27 30.62 -16.52
C TYR A 93 -11.81 30.60 -17.96
N LYS A 94 -12.95 31.28 -18.15
CA LYS A 94 -13.76 31.38 -19.40
C LYS A 94 -13.05 32.28 -20.42
N ASN A 95 -11.96 32.94 -20.03
CA ASN A 95 -11.16 33.88 -20.89
C ASN A 95 -9.86 33.20 -21.35
N THR A 96 -9.29 32.30 -20.54
CA THR A 96 -8.12 31.43 -20.90
C THR A 96 -8.68 30.09 -21.44
N CYS A 97 -8.39 29.79 -22.72
CA CYS A 97 -9.03 28.72 -23.51
C CYS A 97 -8.55 28.83 -24.96
N VAL A 98 -7.78 27.85 -25.45
CA VAL A 98 -7.19 27.85 -26.82
C VAL A 98 -8.02 26.97 -27.77
N GLY A 99 -8.33 25.72 -27.38
CA GLY A 99 -9.14 24.76 -28.17
C GLY A 99 -8.31 23.70 -28.88
N SER A 100 -8.65 23.36 -30.13
CA SER A 100 -7.84 22.53 -31.07
C SER A 100 -8.46 22.58 -32.49
N ASP A 101 -7.63 22.44 -33.53
CA ASP A 101 -8.05 22.38 -34.97
C ASP A 101 -8.87 21.10 -35.22
N ASN A 102 -8.57 20.03 -34.48
CA ASN A 102 -9.33 18.75 -34.45
C ASN A 102 -9.33 18.19 -33.01
N VAL A 103 -10.51 17.79 -32.51
CA VAL A 103 -10.74 17.12 -31.20
C VAL A 103 -11.03 15.64 -31.50
N THR A 104 -10.91 15.25 -32.77
CA THR A 104 -11.40 13.96 -33.30
C THR A 104 -10.81 12.81 -32.49
N ASP A 105 -9.51 12.86 -32.17
CA ASP A 105 -8.73 11.76 -31.54
C ASP A 105 -9.16 11.54 -30.09
N PHE A 106 -9.32 12.62 -29.32
CA PHE A 106 -9.75 12.56 -27.89
C PHE A 106 -11.16 11.97 -27.78
N ASN A 107 -12.07 12.33 -28.69
CA ASN A 107 -13.47 11.81 -28.74
C ASN A 107 -13.41 10.29 -28.97
N ALA A 108 -12.65 9.84 -29.97
CA ALA A 108 -12.48 8.40 -30.26
C ALA A 108 -11.97 7.71 -28.98
N ILE A 109 -10.97 8.32 -28.32
CA ILE A 109 -10.35 7.70 -27.11
C ILE A 109 -11.44 7.61 -26.06
N ALA A 110 -12.25 8.65 -25.96
CA ALA A 110 -13.23 8.84 -24.87
C ALA A 110 -14.40 7.87 -25.05
N THR A 111 -14.72 7.49 -26.30
CA THR A 111 -15.96 6.76 -26.67
C THR A 111 -15.70 5.32 -27.12
N CYS A 112 -14.46 4.96 -27.51
CA CYS A 112 -14.16 3.60 -28.07
C CYS A 112 -14.37 2.57 -26.97
N ASP A 113 -14.75 1.34 -27.32
CA ASP A 113 -14.91 0.20 -26.37
C ASP A 113 -13.62 -0.65 -26.26
N TRP A 114 -12.56 -0.32 -27.01
CA TRP A 114 -11.22 -0.96 -26.90
C TRP A 114 -11.23 -2.42 -27.41
N THR A 115 -12.11 -2.75 -28.37
CA THR A 115 -12.24 -4.12 -28.95
C THR A 115 -11.58 -4.11 -30.33
N ASN A 116 -11.15 -2.93 -30.79
CA ASN A 116 -10.61 -2.71 -32.15
C ASN A 116 -9.13 -2.34 -31.98
N ALA A 117 -8.24 -3.03 -32.69
CA ALA A 117 -6.79 -2.74 -32.76
C ALA A 117 -6.58 -1.23 -32.92
N GLY A 118 -7.36 -0.60 -33.80
CA GLY A 118 -7.27 0.83 -34.19
C GLY A 118 -7.34 1.76 -32.99
N ASP A 119 -7.90 1.27 -31.89
CA ASP A 119 -8.10 2.05 -30.65
C ASP A 119 -6.77 2.14 -29.92
N TYR A 120 -5.99 1.04 -29.97
CA TYR A 120 -4.65 0.90 -29.32
C TYR A 120 -3.62 1.60 -30.21
N ILE A 121 -3.81 1.52 -31.53
CA ILE A 121 -2.97 2.20 -32.57
C ILE A 121 -3.02 3.70 -32.31
N LEU A 122 -4.23 4.25 -32.19
CA LEU A 122 -4.48 5.68 -31.92
C LEU A 122 -3.91 6.03 -30.55
N ALA A 123 -4.13 5.16 -29.57
CA ALA A 123 -3.73 5.41 -28.17
C ALA A 123 -2.20 5.49 -28.12
N ASN A 124 -1.52 5.08 -29.18
CA ASN A 124 -0.04 5.06 -29.20
C ASN A 124 0.51 6.03 -30.26
N THR A 125 -0.33 6.61 -31.13
CA THR A 125 0.09 7.62 -32.14
C THR A 125 -0.49 9.02 -31.83
N CYS A 126 -1.54 9.12 -31.02
CA CYS A 126 -2.10 10.42 -30.57
C CYS A 126 -0.99 11.25 -29.93
N THR A 127 -1.29 12.45 -29.43
CA THR A 127 -0.30 13.31 -28.73
C THR A 127 -0.02 12.68 -27.36
N GLU A 128 1.02 13.14 -26.68
CA GLU A 128 1.52 12.52 -25.43
C GLU A 128 0.42 12.61 -24.35
N ARG A 129 -0.17 13.79 -24.17
CA ARG A 129 -1.22 14.00 -23.13
C ARG A 129 -2.40 13.05 -23.38
N LEU A 130 -2.67 12.74 -24.63
CA LEU A 130 -3.75 11.79 -25.01
C LEU A 130 -3.32 10.33 -24.81
N LYS A 131 -2.02 10.02 -24.97
CA LYS A 131 -1.43 8.70 -24.60
C LYS A 131 -1.73 8.42 -23.12
N LEU A 132 -1.55 9.40 -22.23
CA LEU A 132 -1.83 9.22 -20.78
C LEU A 132 -3.34 9.05 -20.58
N PHE A 133 -4.12 9.98 -21.10
CA PHE A 133 -5.59 9.94 -20.99
C PHE A 133 -6.06 8.57 -21.48
N ALA A 134 -5.57 8.06 -22.61
CA ALA A 134 -6.07 6.80 -23.23
C ALA A 134 -5.68 5.62 -22.34
N ALA A 135 -4.52 5.70 -21.70
CA ALA A 135 -3.92 4.62 -20.89
C ALA A 135 -4.75 4.47 -19.62
N GLU A 136 -5.09 5.59 -19.00
CA GLU A 136 -6.08 5.62 -17.88
C GLU A 136 -7.42 5.06 -18.35
N THR A 137 -7.90 5.48 -19.51
CA THR A 137 -9.29 5.20 -19.97
C THR A 137 -9.38 3.71 -20.28
N LEU A 138 -8.29 3.15 -20.82
CA LEU A 138 -8.19 1.71 -21.17
C LEU A 138 -8.15 0.91 -19.89
N LYS A 139 -7.35 1.33 -18.91
CA LYS A 139 -7.14 0.52 -17.69
C LYS A 139 -8.41 0.50 -16.87
N ALA A 140 -9.09 1.65 -16.75
CA ALA A 140 -10.38 1.78 -16.05
C ALA A 140 -11.42 0.92 -16.76
N THR A 141 -11.52 0.98 -18.09
CA THR A 141 -12.47 0.14 -18.87
C THR A 141 -12.14 -1.34 -18.59
N GLU A 142 -10.84 -1.66 -18.52
CA GLU A 142 -10.32 -3.02 -18.30
C GLU A 142 -10.69 -3.52 -16.90
N GLU A 143 -10.45 -2.73 -15.86
CA GLU A 143 -10.77 -3.07 -14.44
C GLU A 143 -12.28 -3.12 -14.23
N THR A 144 -13.06 -2.32 -14.96
CA THR A 144 -14.54 -2.30 -14.88
C THR A 144 -15.11 -3.57 -15.53
N PHE A 145 -14.67 -3.91 -16.74
CA PHE A 145 -15.16 -5.09 -17.51
C PHE A 145 -15.10 -6.35 -16.64
N LYS A 146 -14.14 -6.44 -15.73
CA LYS A 146 -13.92 -7.60 -14.83
C LYS A 146 -15.17 -7.79 -13.94
N LEU A 147 -15.71 -6.69 -13.40
CA LEU A 147 -16.97 -6.67 -12.61
C LEU A 147 -18.10 -7.33 -13.42
N SER A 148 -18.17 -7.11 -14.74
CA SER A 148 -19.27 -7.65 -15.58
C SER A 148 -19.32 -9.18 -15.47
N TYR A 149 -18.24 -9.82 -15.00
CA TYR A 149 -18.13 -11.30 -14.85
C TYR A 149 -18.85 -11.71 -13.56
N GLY A 150 -19.53 -12.86 -13.62
CA GLY A 150 -20.26 -13.43 -12.46
C GLY A 150 -19.31 -13.88 -11.35
N ILE A 151 -19.80 -13.87 -10.11
CA ILE A 151 -19.15 -14.52 -8.93
C ILE A 151 -19.12 -16.03 -9.18
N ALA A 152 -18.03 -16.70 -8.82
CA ALA A 152 -17.93 -18.18 -8.78
C ALA A 152 -17.91 -18.61 -7.31
N THR A 153 -18.75 -19.58 -6.93
CA THR A 153 -18.95 -20.02 -5.53
C THR A 153 -18.70 -21.52 -5.44
N VAL A 154 -17.87 -21.93 -4.46
CA VAL A 154 -17.57 -23.34 -4.10
C VAL A 154 -18.88 -24.03 -3.71
N ARG A 155 -19.37 -24.91 -4.58
CA ARG A 155 -20.61 -25.70 -4.37
C ARG A 155 -20.25 -27.03 -3.68
N GLU A 156 -19.04 -27.55 -3.93
CA GLU A 156 -18.62 -28.92 -3.54
C GLU A 156 -17.09 -29.04 -3.66
N VAL A 157 -16.42 -29.50 -2.61
CA VAL A 157 -14.94 -29.76 -2.65
C VAL A 157 -14.73 -31.24 -2.98
N LEU A 158 -14.60 -31.58 -4.26
CA LEU A 158 -14.49 -32.97 -4.77
C LEU A 158 -13.25 -33.65 -4.18
N SER A 159 -12.08 -33.00 -4.32
CA SER A 159 -10.76 -33.48 -3.85
C SER A 159 -9.98 -32.31 -3.25
N ASP A 160 -8.64 -32.39 -3.28
CA ASP A 160 -7.71 -31.26 -3.09
C ASP A 160 -7.18 -30.86 -4.48
N ARG A 161 -6.98 -29.56 -4.71
CA ARG A 161 -6.52 -28.99 -6.01
C ARG A 161 -7.63 -29.13 -7.08
N GLU A 162 -8.84 -29.60 -6.73
CA GLU A 162 -9.98 -29.77 -7.68
C GLU A 162 -11.33 -29.48 -6.99
N LEU A 163 -12.16 -28.64 -7.63
CA LEU A 163 -13.40 -28.03 -7.05
C LEU A 163 -14.60 -28.24 -7.99
N HIS A 164 -15.79 -27.83 -7.51
CA HIS A 164 -17.05 -27.74 -8.27
C HIS A 164 -17.64 -26.34 -8.05
N LEU A 165 -17.65 -25.48 -9.08
CA LEU A 165 -18.08 -24.07 -8.98
C LEU A 165 -19.54 -23.92 -9.41
N SER A 166 -20.26 -23.07 -8.68
CA SER A 166 -21.62 -22.55 -9.01
C SER A 166 -21.46 -21.08 -9.43
N TRP A 167 -22.06 -20.69 -10.57
CA TRP A 167 -21.85 -19.34 -11.17
C TRP A 167 -23.10 -18.47 -11.02
N GLU A 168 -22.87 -17.21 -10.65
CA GLU A 168 -23.86 -16.11 -10.53
C GLU A 168 -24.63 -15.97 -11.86
N VAL A 169 -25.97 -15.96 -11.81
CA VAL A 169 -26.87 -15.94 -13.01
C VAL A 169 -26.96 -14.50 -13.53
N GLY A 170 -27.18 -14.37 -14.84
CA GLY A 170 -27.43 -13.08 -15.51
C GLY A 170 -26.16 -12.29 -15.72
N LYS A 171 -25.00 -12.96 -15.60
CA LYS A 171 -23.66 -12.42 -15.94
C LYS A 171 -22.87 -13.48 -16.69
N PRO A 172 -22.01 -13.11 -17.65
CA PRO A 172 -21.12 -14.08 -18.27
C PRO A 172 -20.07 -14.58 -17.26
N ARG A 173 -19.37 -15.67 -17.63
CA ARG A 173 -18.23 -16.28 -16.88
C ARG A 173 -16.91 -15.97 -17.60
N PRO A 174 -15.84 -15.58 -16.87
CA PRO A 174 -14.54 -15.33 -17.49
C PRO A 174 -13.92 -16.62 -18.03
N PRO A 175 -13.04 -16.53 -19.05
CA PRO A 175 -12.18 -17.65 -19.44
C PRO A 175 -11.32 -18.12 -18.26
N LEU A 176 -11.11 -19.44 -18.18
CA LEU A 176 -10.43 -20.12 -17.05
C LEU A 176 -8.98 -20.45 -17.43
N ASN A 177 -8.20 -19.42 -17.81
CA ASN A 177 -6.73 -19.53 -18.07
C ASN A 177 -5.97 -18.48 -17.22
N ARG A 178 -4.66 -18.68 -17.08
CA ARG A 178 -3.78 -17.97 -16.11
C ARG A 178 -3.67 -16.49 -16.46
N ASN A 179 -4.31 -16.04 -17.55
CA ASN A 179 -4.52 -14.59 -17.86
C ASN A 179 -5.63 -14.03 -16.97
N TYR A 180 -6.41 -14.90 -16.31
CA TYR A 180 -7.48 -14.55 -15.34
C TYR A 180 -7.13 -15.15 -13.98
N VAL A 181 -6.64 -14.31 -13.06
CA VAL A 181 -6.24 -14.63 -11.65
C VAL A 181 -7.35 -14.18 -10.70
N PHE A 182 -7.98 -15.13 -9.99
CA PHE A 182 -9.13 -14.86 -9.08
C PHE A 182 -8.58 -14.44 -7.73
N THR A 183 -9.49 -14.02 -6.85
CA THR A 183 -9.25 -13.91 -5.40
C THR A 183 -10.44 -14.54 -4.70
N GLY A 184 -10.18 -15.52 -3.83
CA GLY A 184 -11.20 -16.20 -3.03
C GLY A 184 -11.62 -15.33 -1.86
N TYR A 185 -12.68 -15.72 -1.17
CA TYR A 185 -13.21 -15.01 0.01
C TYR A 185 -13.93 -16.03 0.91
N ARG A 186 -13.89 -15.81 2.22
CA ARG A 186 -14.56 -16.65 3.26
C ARG A 186 -15.76 -15.88 3.83
N VAL A 187 -16.92 -16.55 3.92
CA VAL A 187 -18.23 -15.98 4.35
C VAL A 187 -18.13 -15.73 5.86
N THR A 188 -18.30 -14.48 6.31
CA THR A 188 -18.14 -14.08 7.75
C THR A 188 -19.46 -13.62 8.35
N LYS A 189 -19.43 -13.27 9.65
CA LYS A 189 -20.56 -12.69 10.42
C LYS A 189 -21.26 -11.66 9.53
N ASN A 190 -20.61 -10.52 9.27
CA ASN A 190 -21.21 -9.32 8.63
C ASN A 190 -20.28 -8.74 7.55
N SER A 191 -19.34 -9.52 7.00
CA SER A 191 -18.52 -9.14 5.82
C SER A 191 -17.69 -10.34 5.33
N LYS A 192 -16.58 -10.06 4.62
CA LYS A 192 -15.74 -11.04 3.87
C LYS A 192 -14.26 -10.68 4.07
N VAL A 193 -13.38 -11.70 4.17
CA VAL A 193 -11.91 -11.49 4.25
C VAL A 193 -11.22 -12.29 3.14
N GLN A 194 -10.11 -11.76 2.61
CA GLN A 194 -9.32 -12.35 1.50
C GLN A 194 -8.75 -13.70 2.00
N ILE A 195 -8.51 -14.62 1.07
CA ILE A 195 -8.00 -15.99 1.35
C ILE A 195 -7.02 -16.38 0.22
N GLY A 196 -6.17 -15.43 -0.19
CA GLY A 196 -5.16 -15.63 -1.25
C GLY A 196 -5.76 -15.55 -2.65
N GLU A 197 -4.92 -15.32 -3.66
CA GLU A 197 -5.29 -15.25 -5.09
C GLU A 197 -5.23 -16.67 -5.67
N TYR A 198 -5.97 -16.92 -6.75
CA TYR A 198 -6.17 -18.27 -7.35
C TYR A 198 -6.29 -18.16 -8.87
N THR A 199 -5.99 -19.25 -9.56
CA THR A 199 -6.26 -19.48 -11.01
C THR A 199 -6.99 -20.82 -11.15
N PHE A 200 -7.74 -20.97 -12.24
CA PHE A 200 -8.63 -22.15 -12.50
C PHE A 200 -8.40 -22.65 -13.93
N GLU A 201 -8.75 -23.92 -14.16
CA GLU A 201 -8.67 -24.63 -15.45
C GLU A 201 -9.68 -25.80 -15.40
N LYS A 202 -10.27 -26.14 -16.56
CA LYS A 202 -11.40 -27.10 -16.68
C LYS A 202 -11.01 -28.43 -16.02
N GLY A 203 -12.00 -29.18 -15.51
CA GLY A 203 -11.80 -30.46 -14.82
C GLY A 203 -11.32 -31.55 -15.77
N ALA A 208 -16.54 -29.83 -12.72
CA ALA A 208 -15.32 -29.72 -11.88
C ALA A 208 -14.35 -28.71 -12.50
N VAL A 209 -13.41 -28.20 -11.69
CA VAL A 209 -12.37 -27.22 -12.13
C VAL A 209 -11.08 -27.42 -11.31
N VAL A 210 -9.92 -27.50 -11.98
CA VAL A 210 -8.57 -27.53 -11.35
C VAL A 210 -8.27 -26.09 -10.88
N TYR A 211 -7.70 -25.93 -9.67
CA TYR A 211 -7.29 -24.61 -9.11
C TYR A 211 -5.84 -24.70 -8.62
N ARG A 212 -5.04 -23.67 -8.92
CA ARG A 212 -3.61 -23.54 -8.55
C ARG A 212 -3.40 -22.24 -7.76
N GLY A 213 -3.72 -22.24 -6.46
CA GLY A 213 -3.85 -21.03 -5.64
C GLY A 213 -2.54 -20.60 -4.99
N THR A 214 -2.39 -19.29 -4.76
CA THR A 214 -1.20 -18.58 -4.20
C THR A 214 -0.79 -19.24 -2.88
N THR A 215 -1.73 -19.38 -1.94
CA THR A 215 -1.54 -20.10 -0.66
C THR A 215 -2.35 -21.41 -0.71
N THR A 216 -1.98 -22.39 0.11
CA THR A 216 -2.76 -23.64 0.38
C THR A 216 -3.79 -23.36 1.46
N TYR A 217 -4.92 -24.08 1.46
CA TYR A 217 -6.00 -23.98 2.46
C TYR A 217 -6.76 -25.31 2.54
N LYS A 218 -7.74 -25.36 3.43
CA LYS A 218 -8.84 -26.35 3.46
C LYS A 218 -10.14 -25.61 3.11
N LEU A 219 -10.15 -24.89 1.98
CA LEU A 219 -11.32 -24.07 1.55
C LEU A 219 -12.52 -25.00 1.33
N ASN A 220 -13.71 -24.51 1.70
CA ASN A 220 -14.96 -25.31 1.78
C ASN A 220 -16.09 -24.52 1.09
N VAL A 221 -17.22 -25.20 0.86
CA VAL A 221 -18.47 -24.67 0.24
C VAL A 221 -18.81 -23.29 0.83
N GLY A 222 -19.29 -22.38 -0.01
CA GLY A 222 -19.62 -21.00 0.38
C GLY A 222 -18.52 -20.02 0.04
N ASP A 223 -17.26 -20.46 0.04
CA ASP A 223 -16.11 -19.65 -0.44
C ASP A 223 -16.32 -19.34 -1.92
N TYR A 224 -16.20 -18.07 -2.29
CA TYR A 224 -16.47 -17.57 -3.66
C TYR A 224 -15.23 -16.82 -4.15
N PHE A 225 -15.20 -16.55 -5.47
CA PHE A 225 -14.03 -16.02 -6.21
C PHE A 225 -14.43 -14.92 -7.18
N VAL A 226 -13.70 -13.81 -7.12
CA VAL A 226 -13.87 -12.65 -8.05
C VAL A 226 -12.47 -12.26 -8.51
N LEU A 227 -12.33 -11.92 -9.80
CA LEU A 227 -11.13 -11.22 -10.36
C LEU A 227 -11.02 -9.88 -9.65
N THR A 228 -10.04 -9.68 -8.78
CA THR A 228 -9.92 -8.43 -7.96
C THR A 228 -9.52 -7.31 -8.92
N SER A 229 -10.29 -6.22 -8.94
CA SER A 229 -10.06 -5.02 -9.78
C SER A 229 -9.65 -3.84 -8.89
N HIS A 230 -8.53 -3.19 -9.21
CA HIS A 230 -7.95 -2.09 -8.40
C HIS A 230 -8.39 -0.74 -8.96
N THR A 231 -8.31 0.30 -8.11
CA THR A 231 -8.45 1.74 -8.47
C THR A 231 -7.30 2.09 -9.43
N VAL A 232 -7.63 2.60 -10.61
CA VAL A 232 -6.65 3.20 -11.56
C VAL A 232 -6.40 4.64 -11.13
N MET A 233 -5.15 5.02 -10.86
CA MET A 233 -4.82 6.42 -10.50
C MET A 233 -4.75 7.25 -11.77
N PRO A 234 -4.81 8.60 -11.66
CA PRO A 234 -4.55 9.47 -12.80
C PRO A 234 -3.04 9.51 -13.09
N LEU A 235 -2.70 9.65 -14.38
CA LEU A 235 -1.30 9.72 -14.87
C LEU A 235 -0.92 11.20 -14.95
N SER A 236 0.34 11.52 -14.70
CA SER A 236 0.89 12.89 -14.83
C SER A 236 2.14 12.89 -15.72
N ALA A 237 3.09 11.98 -15.47
CA ALA A 237 4.37 11.88 -16.19
C ALA A 237 4.17 11.32 -17.61
N PRO A 238 4.96 11.78 -18.63
CA PRO A 238 4.88 11.21 -19.98
C PRO A 238 5.40 9.78 -20.02
N THR A 239 5.19 9.07 -21.13
CA THR A 239 5.57 7.65 -21.26
C THR A 239 7.07 7.54 -21.53
N LEU A 240 7.65 8.55 -22.19
CA LEU A 240 9.11 8.76 -22.34
C LEU A 240 9.45 10.19 -21.94
N VAL A 241 10.55 10.38 -21.25
CA VAL A 241 11.05 11.74 -20.92
C VAL A 241 11.51 12.35 -22.24
N PRO A 242 11.86 13.65 -22.25
CA PRO A 242 12.47 14.26 -23.44
C PRO A 242 13.89 13.70 -23.65
N GLN A 243 14.17 13.17 -24.84
CA GLN A 243 15.47 12.54 -25.13
C GLN A 243 16.56 13.61 -25.13
N GLU A 244 17.74 13.23 -24.66
CA GLU A 244 18.97 14.07 -24.68
C GLU A 244 20.15 13.19 -25.08
N HIS A 245 20.90 13.58 -26.11
CA HIS A 245 22.19 12.96 -26.50
C HIS A 245 23.31 13.84 -25.98
N TYR A 246 24.30 13.21 -25.36
CA TYR A 246 25.42 13.88 -24.64
C TYR A 246 26.68 13.54 -25.42
N VAL A 247 27.73 14.32 -25.17
CA VAL A 247 29.01 14.26 -25.91
C VAL A 247 30.02 13.46 -25.08
N ARG A 248 29.84 13.45 -23.75
CA ARG A 248 30.55 12.62 -22.75
C ARG A 248 29.53 11.69 -22.07
N ILE A 249 30.02 10.70 -21.32
CA ILE A 249 29.23 10.01 -20.26
C ILE A 249 29.01 11.06 -19.15
N THR A 250 27.77 11.19 -18.66
CA THR A 250 27.36 12.22 -17.67
C THR A 250 26.89 11.59 -16.35
N GLY A 251 27.47 12.04 -15.24
CA GLY A 251 27.00 11.75 -13.87
C GLY A 251 27.25 10.30 -13.49
N LEU A 252 28.01 9.57 -14.31
CA LEU A 252 28.42 8.16 -14.11
C LEU A 252 29.94 8.06 -14.25
N TYR A 253 30.59 7.32 -13.34
CA TYR A 253 32.06 7.10 -13.30
C TYR A 253 32.34 5.65 -13.67
N PRO A 254 32.82 5.37 -14.91
CA PRO A 254 33.17 4.02 -15.33
C PRO A 254 34.29 3.42 -14.49
N THR A 255 34.28 2.09 -14.37
CA THR A 255 35.32 1.28 -13.71
C THR A 255 36.55 1.25 -14.62
N LEU A 256 37.75 1.15 -14.02
CA LEU A 256 39.02 1.02 -14.78
C LEU A 256 39.27 -0.46 -15.12
N ASN A 257 38.91 -1.34 -14.19
CA ASN A 257 39.09 -2.82 -14.24
C ASN A 257 37.70 -3.46 -14.32
N ILE A 258 37.34 -4.06 -15.46
CA ILE A 258 36.09 -4.85 -15.67
C ILE A 258 36.44 -6.33 -15.99
N SER A 259 35.51 -7.26 -15.79
CA SER A 259 35.73 -8.71 -16.05
C SER A 259 35.39 -9.07 -17.50
N ASP A 260 36.06 -10.07 -18.07
CA ASP A 260 35.86 -10.50 -19.47
C ASP A 260 34.44 -11.07 -19.67
N GLU A 261 33.67 -11.21 -18.57
CA GLU A 261 32.25 -11.68 -18.57
C GLU A 261 31.32 -10.62 -19.20
N PHE A 262 31.63 -9.34 -19.01
CA PHE A 262 30.80 -8.16 -19.34
C PHE A 262 31.47 -7.24 -20.37
N SER A 263 32.65 -7.64 -20.87
CA SER A 263 33.52 -6.80 -21.75
C SER A 263 32.85 -6.59 -23.13
N SER A 264 32.07 -7.56 -23.62
CA SER A 264 31.22 -7.41 -24.83
C SER A 264 30.17 -6.29 -24.72
N ASN A 265 29.86 -5.77 -23.51
CA ASN A 265 28.83 -4.72 -23.32
C ASN A 265 29.46 -3.37 -22.93
N VAL A 266 30.78 -3.23 -22.95
CA VAL A 266 31.43 -1.97 -22.45
C VAL A 266 30.99 -0.78 -23.33
N ALA A 267 30.99 -0.94 -24.66
CA ALA A 267 30.56 0.09 -25.64
C ALA A 267 29.14 0.52 -25.26
N ASN A 268 28.24 -0.46 -25.20
CA ASN A 268 26.79 -0.28 -24.95
C ASN A 268 26.58 0.42 -23.60
N TYR A 269 27.40 0.11 -22.60
CA TYR A 269 27.28 0.70 -21.25
C TYR A 269 27.66 2.17 -21.33
N GLN A 270 28.54 2.49 -22.28
CA GLN A 270 29.08 3.87 -22.47
C GLN A 270 27.98 4.67 -23.18
N LYS A 271 27.33 4.03 -24.16
CA LYS A 271 26.17 4.61 -24.88
C LYS A 271 25.12 5.03 -23.86
N VAL A 272 24.83 4.14 -22.90
CA VAL A 272 23.84 4.34 -21.82
C VAL A 272 24.21 5.63 -21.07
N GLY A 273 25.49 5.93 -20.91
CA GLY A 273 25.92 7.11 -20.14
C GLY A 273 25.87 8.40 -20.95
N MET A 274 25.60 8.28 -22.26
CA MET A 274 25.73 9.37 -23.26
C MET A 274 24.38 9.73 -23.90
N GLN A 275 23.27 9.14 -23.47
CA GLN A 275 21.90 9.64 -23.78
C GLN A 275 21.08 9.51 -22.51
N LYS A 276 19.93 10.20 -22.48
CA LYS A 276 19.02 10.29 -21.31
C LYS A 276 18.36 8.93 -21.12
N TYR A 277 17.91 8.33 -22.19
CA TYR A 277 17.29 7.01 -22.17
C TYR A 277 17.80 6.29 -23.40
N SER A 278 17.91 4.97 -23.26
CA SER A 278 18.47 4.08 -24.29
C SER A 278 17.60 2.81 -24.31
N THR A 279 17.35 2.29 -25.49
CA THR A 279 16.56 1.06 -25.71
C THR A 279 17.55 -0.08 -25.97
N LEU A 280 17.29 -1.26 -25.41
CA LEU A 280 18.09 -2.49 -25.65
C LEU A 280 17.17 -3.60 -26.12
N GLN A 281 17.26 -3.98 -27.39
CA GLN A 281 16.56 -5.17 -27.91
C GLN A 281 17.44 -6.38 -27.58
N GLY A 282 16.96 -7.21 -26.67
CA GLY A 282 17.61 -8.47 -26.30
C GLY A 282 16.75 -9.64 -26.77
N PRO A 283 17.07 -10.21 -27.94
CA PRO A 283 16.41 -11.45 -28.39
C PRO A 283 16.53 -12.57 -27.36
N PRO A 284 15.87 -13.73 -27.58
CA PRO A 284 15.93 -14.84 -26.65
C PRO A 284 17.36 -15.32 -26.40
N GLY A 285 17.76 -15.42 -25.12
CA GLY A 285 19.03 -16.01 -24.65
C GLY A 285 20.24 -15.27 -25.19
N THR A 286 20.17 -13.94 -25.23
CA THR A 286 21.26 -13.05 -25.70
C THR A 286 21.86 -12.31 -24.51
N GLY A 287 21.23 -12.31 -23.33
CA GLY A 287 21.89 -11.84 -22.10
C GLY A 287 21.36 -10.51 -21.56
N LYS A 288 20.05 -10.33 -21.54
CA LYS A 288 19.42 -9.06 -21.09
C LYS A 288 19.79 -8.81 -19.62
N SER A 289 19.64 -9.81 -18.75
CA SER A 289 19.85 -9.66 -17.28
C SER A 289 21.35 -9.56 -17.01
N HIS A 290 22.13 -10.30 -17.80
CA HIS A 290 23.62 -10.21 -17.75
C HIS A 290 24.01 -8.76 -18.03
N PHE A 291 23.47 -8.19 -19.11
CA PHE A 291 23.63 -6.75 -19.49
C PHE A 291 23.25 -5.84 -18.33
N ALA A 292 22.03 -6.00 -17.83
CA ALA A 292 21.43 -5.14 -16.78
C ALA A 292 22.30 -5.15 -15.53
N ILE A 293 22.74 -6.32 -15.06
CA ILE A 293 23.50 -6.46 -13.79
C ILE A 293 24.91 -5.90 -14.03
N GLY A 294 25.50 -6.22 -15.19
CA GLY A 294 26.87 -5.81 -15.57
C GLY A 294 27.05 -4.30 -15.66
N LEU A 295 25.97 -3.59 -15.96
CA LEU A 295 25.90 -2.11 -16.00
C LEU A 295 26.35 -1.57 -14.65
N ALA A 296 26.06 -2.29 -13.57
CA ALA A 296 26.32 -1.89 -12.17
C ALA A 296 27.81 -1.99 -11.89
N LEU A 297 28.46 -3.00 -12.45
CA LEU A 297 29.89 -3.29 -12.18
C LEU A 297 30.69 -2.32 -13.05
N TYR A 298 30.11 -1.94 -14.18
CA TYR A 298 30.70 -0.94 -15.09
C TYR A 298 30.58 0.47 -14.50
N TYR A 299 29.52 0.77 -13.73
CA TYR A 299 29.31 2.06 -13.01
C TYR A 299 29.23 1.82 -11.50
N PRO A 300 30.29 1.30 -10.85
CA PRO A 300 30.18 0.77 -9.48
C PRO A 300 29.46 1.69 -8.48
N SER A 301 29.74 2.99 -8.51
CA SER A 301 29.26 3.99 -7.52
C SER A 301 27.81 4.40 -7.82
N ALA A 302 27.32 4.12 -9.02
CA ALA A 302 25.95 4.49 -9.49
C ALA A 302 24.90 3.79 -8.61
N ARG A 303 23.86 4.53 -8.21
CA ARG A 303 22.61 3.97 -7.60
C ARG A 303 21.71 3.53 -8.76
N ILE A 304 21.30 2.26 -8.77
CA ILE A 304 20.49 1.67 -9.88
C ILE A 304 19.21 1.07 -9.30
N VAL A 305 18.07 1.46 -9.85
CA VAL A 305 16.72 0.91 -9.53
C VAL A 305 16.39 -0.02 -10.68
N TYR A 306 16.28 -1.30 -10.39
CA TYR A 306 15.84 -2.33 -11.35
C TYR A 306 14.33 -2.48 -11.19
N THR A 307 13.62 -2.37 -12.30
CA THR A 307 12.15 -2.40 -12.31
C THR A 307 11.69 -3.25 -13.49
N ALA A 308 10.51 -3.84 -13.34
CA ALA A 308 9.75 -4.53 -14.40
C ALA A 308 8.27 -4.65 -13.96
N CYS A 309 7.39 -5.08 -14.85
CA CYS A 309 5.96 -5.14 -14.51
C CYS A 309 5.75 -6.29 -13.55
N SER A 310 6.27 -7.48 -13.90
CA SER A 310 6.07 -8.75 -13.16
C SER A 310 7.10 -8.89 -12.03
N HIS A 311 6.63 -9.42 -10.91
CA HIS A 311 7.43 -10.01 -9.81
C HIS A 311 8.49 -10.98 -10.37
N ALA A 312 8.11 -11.85 -11.30
CA ALA A 312 8.99 -12.87 -11.91
C ALA A 312 10.19 -12.16 -12.52
N ALA A 313 9.88 -11.18 -13.37
CA ALA A 313 10.89 -10.40 -14.11
C ALA A 313 11.80 -9.75 -13.08
N VAL A 314 11.24 -9.19 -12.01
CA VAL A 314 12.09 -8.49 -11.01
C VAL A 314 13.00 -9.51 -10.34
N ASP A 315 12.46 -10.67 -9.98
CA ASP A 315 13.14 -11.75 -9.22
C ASP A 315 14.36 -12.29 -10.01
N ALA A 316 14.17 -12.54 -11.30
CA ALA A 316 15.25 -12.92 -12.24
C ALA A 316 16.36 -11.87 -12.21
N LEU A 317 16.02 -10.58 -12.21
CA LEU A 317 17.05 -9.51 -12.05
C LEU A 317 17.75 -9.69 -10.70
N CYS A 318 16.99 -10.03 -9.64
CA CYS A 318 17.51 -10.27 -8.28
C CYS A 318 18.40 -11.52 -8.27
N GLU A 319 17.99 -12.60 -8.96
CA GLU A 319 18.80 -13.83 -8.97
C GLU A 319 20.17 -13.47 -9.55
N LYS A 320 20.16 -12.89 -10.74
CA LYS A 320 21.38 -12.51 -11.47
C LYS A 320 22.19 -11.57 -10.58
N ALA A 321 21.56 -10.65 -9.86
CA ALA A 321 22.25 -9.70 -8.96
C ALA A 321 23.00 -10.49 -7.89
N LEU A 322 22.40 -11.58 -7.40
CA LEU A 322 22.87 -12.34 -6.22
C LEU A 322 24.23 -12.96 -6.54
N LYS A 323 24.51 -13.13 -7.84
CA LYS A 323 25.71 -13.76 -8.42
C LYS A 323 26.85 -12.75 -8.69
N TYR A 324 26.65 -11.44 -8.52
CA TYR A 324 27.61 -10.40 -9.00
C TYR A 324 27.76 -9.19 -8.07
N LEU A 325 26.75 -8.81 -7.29
CA LEU A 325 26.73 -7.55 -6.50
C LEU A 325 26.70 -7.87 -5.01
N PRO A 326 27.29 -7.02 -4.14
CA PRO A 326 27.20 -7.20 -2.71
C PRO A 326 25.72 -7.27 -2.32
N ILE A 327 25.33 -8.33 -1.61
CA ILE A 327 23.94 -8.60 -1.13
C ILE A 327 23.53 -7.45 -0.21
N ASP A 328 24.45 -6.97 0.62
CA ASP A 328 24.24 -5.90 1.63
C ASP A 328 23.79 -4.61 0.91
N LYS A 329 24.17 -4.41 -0.35
CA LYS A 329 23.93 -3.16 -1.15
C LYS A 329 22.69 -3.31 -2.03
N CYS A 330 21.98 -4.44 -1.95
CA CYS A 330 20.72 -4.71 -2.69
C CYS A 330 19.53 -4.68 -1.73
N SER A 331 18.35 -4.30 -2.22
CA SER A 331 17.06 -4.38 -1.49
C SER A 331 15.93 -4.75 -2.47
N ARG A 332 15.03 -5.63 -2.03
CA ARG A 332 13.77 -5.97 -2.74
C ARG A 332 12.63 -5.19 -2.09
N ILE A 333 11.95 -4.34 -2.87
CA ILE A 333 10.73 -3.58 -2.44
C ILE A 333 9.53 -4.46 -2.73
N ILE A 334 8.72 -4.68 -1.67
CA ILE A 334 7.47 -5.50 -1.64
C ILE A 334 6.41 -4.67 -0.93
N PRO A 335 5.21 -4.50 -1.52
CA PRO A 335 4.09 -3.84 -0.84
C PRO A 335 3.43 -4.81 0.15
N ALA A 336 3.01 -4.32 1.31
CA ALA A 336 2.24 -5.07 2.34
C ALA A 336 0.85 -5.42 1.78
N VAL A 340 1.73 -12.34 -2.63
CA VAL A 340 2.42 -13.22 -3.64
C VAL A 340 3.91 -13.34 -3.24
N GLU A 341 4.44 -14.57 -3.22
CA GLU A 341 5.80 -14.89 -2.73
C GLU A 341 6.82 -14.56 -3.82
N CYS A 342 7.74 -13.66 -3.53
CA CYS A 342 8.81 -13.23 -4.45
C CYS A 342 10.17 -13.39 -3.74
N PHE A 343 11.26 -13.12 -4.47
CA PHE A 343 12.66 -13.14 -4.00
C PHE A 343 12.74 -12.60 -2.57
N ASP A 344 13.41 -13.33 -1.65
CA ASP A 344 13.54 -12.93 -0.21
C ASP A 344 14.95 -13.18 0.31
N LYS A 345 15.98 -12.75 -0.42
CA LYS A 345 17.39 -12.86 -0.01
C LYS A 345 18.07 -11.50 0.16
N PHE A 346 17.36 -10.39 -0.12
CA PHE A 346 17.83 -9.01 0.16
C PHE A 346 17.01 -8.47 1.32
N LYS A 347 17.52 -7.46 2.03
CA LYS A 347 16.70 -6.73 3.04
C LYS A 347 15.51 -6.14 2.28
N VAL A 348 14.32 -6.19 2.87
CA VAL A 348 13.02 -5.84 2.22
C VAL A 348 12.74 -4.35 2.45
N ASN A 349 12.20 -3.65 1.44
CA ASN A 349 11.60 -2.30 1.56
C ASN A 349 12.65 -1.34 2.11
N SER A 350 13.83 -1.32 1.48
CA SER A 350 14.94 -0.42 1.84
C SER A 350 15.25 0.47 0.63
N THR A 351 14.44 1.52 0.48
CA THR A 351 14.44 2.53 -0.61
C THR A 351 15.84 3.14 -0.76
N LEU A 352 16.54 3.42 0.33
CA LEU A 352 17.82 4.18 0.28
C LEU A 352 19.01 3.24 -0.02
N GLU A 353 18.76 1.95 -0.27
CA GLU A 353 19.80 0.95 -0.64
C GLU A 353 20.28 1.22 -2.08
N GLN A 354 21.56 0.98 -2.37
CA GLN A 354 22.20 1.37 -3.65
C GLN A 354 21.54 0.65 -4.85
N TYR A 355 21.16 -0.61 -4.70
CA TYR A 355 20.55 -1.41 -5.78
C TYR A 355 19.13 -1.81 -5.38
N VAL A 356 18.12 -1.19 -6.00
CA VAL A 356 16.69 -1.37 -5.60
C VAL A 356 16.00 -2.16 -6.70
N PHE A 357 15.45 -3.31 -6.33
CA PHE A 357 14.69 -4.22 -7.23
C PHE A 357 13.25 -4.13 -6.76
N CYS A 358 12.32 -3.87 -7.66
CA CYS A 358 10.94 -3.43 -7.33
C CYS A 358 10.07 -3.47 -8.58
N THR A 359 8.85 -3.98 -8.47
CA THR A 359 7.87 -3.97 -9.57
C THR A 359 7.44 -2.52 -9.78
N VAL A 360 6.85 -2.23 -10.94
CA VAL A 360 6.40 -0.86 -11.34
C VAL A 360 5.40 -0.36 -10.29
N ASN A 361 4.34 -1.14 -10.04
CA ASN A 361 3.14 -0.70 -9.27
C ASN A 361 3.49 -0.54 -7.79
N ALA A 362 4.68 -0.94 -7.34
CA ALA A 362 5.17 -0.81 -5.95
C ALA A 362 6.30 0.21 -5.81
N LEU A 363 6.75 0.85 -6.90
CA LEU A 363 7.92 1.77 -6.88
C LEU A 363 7.68 2.89 -5.89
N PRO A 364 8.63 3.18 -4.98
CA PRO A 364 8.53 4.39 -4.17
C PRO A 364 8.87 5.64 -5.00
N GLU A 365 8.53 6.81 -4.48
CA GLU A 365 8.97 8.10 -5.05
C GLU A 365 10.42 8.25 -4.61
N THR A 366 11.36 8.27 -5.57
CA THR A 366 12.82 8.37 -5.31
C THR A 366 13.59 8.74 -6.59
N THR A 367 14.86 9.12 -6.42
CA THR A 367 15.80 9.40 -7.53
C THR A 367 16.79 8.24 -7.65
N ALA A 368 17.45 8.13 -8.80
CA ALA A 368 18.50 7.11 -9.06
C ALA A 368 19.47 7.63 -10.12
N ASP A 369 20.72 7.19 -10.07
CA ASP A 369 21.74 7.43 -11.13
C ASP A 369 21.30 6.76 -12.44
N ILE A 370 20.80 5.52 -12.40
CA ILE A 370 20.29 4.78 -13.58
C ILE A 370 19.00 4.03 -13.21
N VAL A 371 18.06 3.94 -14.15
CA VAL A 371 16.83 3.11 -14.02
C VAL A 371 16.84 2.09 -15.17
N VAL A 372 16.60 0.82 -14.83
CA VAL A 372 16.56 -0.31 -15.79
C VAL A 372 15.15 -0.84 -15.71
N PHE A 373 14.43 -0.76 -16.82
CA PHE A 373 13.05 -1.21 -16.94
C PHE A 373 13.19 -2.42 -17.85
N ASP A 374 12.99 -3.63 -17.31
CA ASP A 374 13.20 -4.88 -18.06
C ASP A 374 11.85 -5.39 -18.59
N GLU A 375 11.93 -6.35 -19.51
CA GLU A 375 10.78 -7.00 -20.16
C GLU A 375 9.81 -5.89 -20.60
N ILE A 376 10.25 -5.07 -21.55
CA ILE A 376 9.57 -3.82 -21.99
C ILE A 376 8.41 -4.16 -22.92
N SER A 377 8.51 -5.19 -23.76
CA SER A 377 7.38 -5.66 -24.59
C SER A 377 6.11 -5.85 -23.74
N MET A 378 6.21 -6.16 -22.44
CA MET A 378 5.06 -6.50 -21.55
C MET A 378 4.45 -5.23 -20.97
N ALA A 379 5.21 -4.14 -20.95
CA ALA A 379 4.79 -2.82 -20.40
C ALA A 379 3.69 -2.21 -21.27
N THR A 380 2.81 -1.46 -20.62
CA THR A 380 1.72 -0.64 -21.22
C THR A 380 2.13 0.81 -21.03
N ASN A 381 1.53 1.76 -21.75
CA ASN A 381 1.97 3.17 -21.62
C ASN A 381 1.67 3.62 -20.19
N TYR A 382 0.73 2.95 -19.52
CA TYR A 382 0.40 3.21 -18.10
C TYR A 382 1.67 3.05 -17.27
N ASP A 383 2.34 1.89 -17.39
CA ASP A 383 3.60 1.57 -16.64
C ASP A 383 4.68 2.59 -16.99
N LEU A 384 4.87 2.87 -18.27
CA LEU A 384 5.90 3.86 -18.71
C LEU A 384 5.71 5.16 -17.93
N SER A 385 4.47 5.66 -17.89
CA SER A 385 4.12 6.95 -17.24
C SER A 385 4.41 6.86 -15.74
N VAL A 386 4.00 5.76 -15.11
CA VAL A 386 4.15 5.52 -13.64
C VAL A 386 5.64 5.56 -13.28
N VAL A 387 6.50 4.94 -14.10
CA VAL A 387 7.96 4.88 -13.77
C VAL A 387 8.48 6.31 -13.77
N ASN A 388 8.15 7.09 -14.81
CA ASN A 388 8.65 8.48 -14.99
C ASN A 388 8.14 9.35 -13.84
N ALA A 389 6.98 9.03 -13.27
CA ALA A 389 6.36 9.77 -12.15
C ALA A 389 7.07 9.45 -10.83
N ARG A 390 7.38 8.17 -10.57
CA ARG A 390 7.96 7.69 -9.27
C ARG A 390 9.49 7.93 -9.27
N LEU A 391 10.16 7.77 -10.43
CA LEU A 391 11.66 7.72 -10.55
C LEU A 391 12.20 8.86 -11.42
N ARG A 392 12.93 9.80 -10.81
CA ARG A 392 13.73 10.82 -11.53
C ARG A 392 15.18 10.30 -11.57
N ALA A 393 15.63 9.91 -12.75
CA ALA A 393 16.98 9.34 -12.97
C ALA A 393 17.79 10.18 -13.95
N LYS A 394 19.11 10.19 -13.83
CA LYS A 394 20.02 10.72 -14.87
C LYS A 394 19.87 9.90 -16.14
N HIS A 395 19.69 8.58 -16.05
CA HIS A 395 19.61 7.68 -17.24
C HIS A 395 18.52 6.64 -17.05
N TYR A 396 17.95 6.18 -18.16
CA TYR A 396 16.85 5.21 -18.20
C TYR A 396 17.22 4.20 -19.26
N VAL A 397 17.34 2.92 -18.92
CA VAL A 397 17.58 1.88 -19.94
C VAL A 397 16.34 1.02 -20.03
N TYR A 398 15.83 0.79 -21.22
CA TYR A 398 14.60 0.02 -21.47
C TYR A 398 15.03 -1.24 -22.22
N ILE A 399 15.02 -2.36 -21.52
CA ILE A 399 15.50 -3.67 -22.03
C ILE A 399 14.27 -4.52 -22.30
N GLY A 400 14.16 -5.08 -23.50
CA GLY A 400 13.15 -6.09 -23.81
C GLY A 400 13.34 -6.55 -25.24
N ASP A 401 12.26 -7.03 -25.86
CA ASP A 401 12.29 -7.51 -27.27
C ASP A 401 10.91 -7.31 -27.89
N PRO A 402 10.70 -6.25 -28.71
CA PRO A 402 9.42 -6.01 -29.36
C PRO A 402 9.04 -7.15 -30.29
N ALA A 403 9.91 -8.15 -30.44
CA ALA A 403 9.61 -9.37 -31.20
C ALA A 403 8.99 -10.44 -30.29
N GLN A 404 8.90 -10.17 -28.98
CA GLN A 404 8.32 -11.12 -28.00
C GLN A 404 6.90 -10.66 -27.62
N LEU A 405 6.35 -11.18 -26.54
CA LEU A 405 4.90 -11.01 -26.30
C LEU A 405 4.65 -9.74 -25.51
N PRO A 406 3.55 -9.03 -25.85
CA PRO A 406 3.08 -7.88 -25.08
C PRO A 406 2.17 -8.32 -23.94
N ALA A 407 1.86 -7.40 -23.01
CA ALA A 407 0.76 -7.53 -22.02
C ALA A 407 -0.51 -7.94 -22.77
N PRO A 408 -1.26 -8.95 -22.30
CA PRO A 408 -2.50 -9.32 -22.96
C PRO A 408 -3.48 -8.14 -22.89
N ARG A 409 -4.22 -7.89 -23.98
CA ARG A 409 -5.29 -6.85 -24.06
C ARG A 409 -6.64 -7.58 -24.09
N THR A 410 -7.22 -7.81 -22.91
CA THR A 410 -8.43 -8.65 -22.70
C THR A 410 -9.56 -8.21 -23.60
N LEU A 411 -9.65 -6.90 -23.90
CA LEU A 411 -10.82 -6.28 -24.57
C LEU A 411 -10.69 -6.39 -26.09
N LEU A 412 -9.54 -6.81 -26.62
CA LEU A 412 -9.26 -6.72 -28.08
C LEU A 412 -9.79 -8.00 -28.77
N THR A 413 -10.39 -7.86 -29.96
CA THR A 413 -11.05 -8.96 -30.72
C THR A 413 -10.99 -8.69 -32.23
N LYS A 414 -11.06 -7.42 -32.67
CA LYS A 414 -11.00 -7.02 -34.10
C LYS A 414 -9.60 -6.43 -34.39
N GLY A 415 -8.79 -7.16 -35.17
CA GLY A 415 -7.43 -6.76 -35.58
C GLY A 415 -6.38 -7.39 -34.68
N THR A 416 -5.12 -7.39 -35.11
CA THR A 416 -3.94 -7.81 -34.30
C THR A 416 -3.17 -6.57 -33.87
N LEU A 417 -2.62 -6.57 -32.66
CA LEU A 417 -1.74 -5.48 -32.16
C LEU A 417 -0.30 -5.70 -32.62
N GLU A 418 0.23 -4.83 -33.47
CA GLU A 418 1.63 -4.91 -34.01
C GLU A 418 2.61 -4.34 -32.99
N PRO A 419 3.87 -4.83 -32.92
CA PRO A 419 4.79 -4.47 -31.86
C PRO A 419 5.08 -2.95 -31.77
N GLU A 420 4.99 -2.24 -32.89
CA GLU A 420 5.08 -0.76 -32.87
C GLU A 420 3.94 -0.15 -32.02
N TYR A 421 2.90 -0.90 -31.64
CA TYR A 421 1.75 -0.33 -30.88
C TYR A 421 1.63 -0.90 -29.46
N PHE A 422 2.59 -1.72 -29.01
CA PHE A 422 2.66 -2.30 -27.65
C PHE A 422 2.85 -1.18 -26.62
N ASN A 423 3.80 -0.27 -26.83
CA ASN A 423 3.98 0.90 -25.94
C ASN A 423 4.88 1.94 -26.63
N SER A 424 5.14 3.09 -26.00
CA SER A 424 5.95 4.19 -26.59
C SER A 424 7.34 3.64 -26.94
N VAL A 425 7.90 2.84 -26.00
CA VAL A 425 9.27 2.28 -26.14
C VAL A 425 9.30 1.33 -27.34
N CYS A 426 8.40 0.36 -27.43
CA CYS A 426 8.42 -0.60 -28.57
C CYS A 426 8.19 0.20 -29.86
N ARG A 427 7.46 1.32 -29.77
CA ARG A 427 7.20 2.17 -30.95
C ARG A 427 8.55 2.68 -31.47
N LEU A 428 9.38 3.29 -30.61
CA LEU A 428 10.73 3.77 -31.05
C LEU A 428 11.52 2.62 -31.71
N MET A 429 11.61 1.45 -31.07
CA MET A 429 12.49 0.35 -31.54
C MET A 429 12.05 -0.13 -32.93
N LYS A 430 10.77 -0.07 -33.25
CA LYS A 430 10.24 -0.65 -34.52
C LYS A 430 10.20 0.42 -35.62
N THR A 431 10.28 1.72 -35.24
CA THR A 431 10.31 2.88 -36.17
C THR A 431 11.76 3.30 -36.40
N ILE A 432 12.43 3.88 -35.40
CA ILE A 432 13.82 4.44 -35.51
C ILE A 432 14.91 3.42 -35.16
N GLY A 433 14.53 2.17 -34.82
CA GLY A 433 15.44 1.11 -34.36
C GLY A 433 15.87 1.28 -32.90
N PRO A 434 16.32 0.19 -32.24
CA PRO A 434 16.82 0.28 -30.87
C PRO A 434 18.22 0.87 -30.82
N ASP A 435 18.60 1.56 -29.73
CA ASP A 435 19.98 2.09 -29.50
C ASP A 435 20.98 0.92 -29.52
N MET A 436 20.64 -0.19 -28.86
CA MET A 436 21.56 -1.29 -28.55
C MET A 436 20.86 -2.61 -28.87
N PHE A 437 21.62 -3.58 -29.41
CA PHE A 437 21.11 -4.89 -29.89
C PHE A 437 22.06 -6.03 -29.47
N LEU A 438 21.53 -7.02 -28.75
CA LEU A 438 22.30 -8.23 -28.36
C LEU A 438 22.16 -9.25 -29.50
N GLY A 439 23.23 -9.46 -30.29
CA GLY A 439 23.15 -10.10 -31.62
C GLY A 439 23.50 -11.58 -31.60
N THR A 440 23.86 -12.12 -30.45
CA THR A 440 24.28 -13.54 -30.35
C THR A 440 23.42 -14.28 -29.32
N CYS A 441 22.75 -15.31 -29.81
CA CYS A 441 21.84 -16.17 -29.04
C CYS A 441 22.66 -17.36 -28.53
N ARG A 442 22.94 -17.37 -27.22
CA ARG A 442 23.72 -18.41 -26.49
C ARG A 442 22.84 -19.65 -26.20
N ARG A 443 21.52 -19.53 -26.32
CA ARG A 443 20.59 -20.58 -25.84
C ARG A 443 20.39 -21.66 -26.91
N CYS A 444 20.04 -21.29 -28.14
CA CYS A 444 19.21 -22.17 -29.02
C CYS A 444 20.04 -22.84 -30.09
N PRO A 445 19.67 -24.08 -30.51
CA PRO A 445 20.28 -24.71 -31.68
C PRO A 445 20.17 -23.78 -32.91
N ALA A 446 21.13 -23.89 -33.84
CA ALA A 446 21.29 -22.96 -34.97
C ALA A 446 20.03 -22.95 -35.84
N GLU A 447 19.42 -24.12 -36.05
CA GLU A 447 18.18 -24.25 -36.88
C GLU A 447 17.13 -23.24 -36.40
N ILE A 448 17.01 -23.05 -35.08
CA ILE A 448 16.01 -22.18 -34.40
C ILE A 448 16.44 -20.71 -34.47
N VAL A 449 17.73 -20.42 -34.34
CA VAL A 449 18.26 -19.03 -34.44
C VAL A 449 18.14 -18.55 -35.90
N ASP A 450 18.45 -19.41 -36.87
CA ASP A 450 18.34 -19.07 -38.31
C ASP A 450 16.87 -18.75 -38.64
N THR A 451 15.95 -19.49 -38.03
CA THR A 451 14.50 -19.44 -38.35
C THR A 451 13.95 -18.10 -37.89
N VAL A 452 14.32 -17.65 -36.69
CA VAL A 452 13.75 -16.44 -36.04
C VAL A 452 14.58 -15.23 -36.45
N SER A 453 15.84 -15.41 -36.81
CA SER A 453 16.66 -14.27 -37.32
C SER A 453 15.96 -13.69 -38.55
N ALA A 454 15.62 -14.56 -39.50
CA ALA A 454 14.84 -14.24 -40.71
C ALA A 454 13.44 -13.75 -40.31
N LEU A 455 12.77 -14.45 -39.38
CA LEU A 455 11.32 -14.26 -39.13
C LEU A 455 11.06 -12.86 -38.59
N VAL A 456 11.88 -12.35 -37.66
CA VAL A 456 11.53 -11.13 -36.88
C VAL A 456 12.74 -10.24 -36.54
N TYR A 457 13.97 -10.57 -36.97
CA TYR A 457 15.20 -9.86 -36.52
C TYR A 457 16.04 -9.36 -37.70
N ASP A 458 15.55 -9.41 -38.94
CA ASP A 458 16.26 -8.89 -40.14
C ASP A 458 17.67 -9.51 -40.25
N ASN A 459 17.77 -10.82 -40.01
CA ASN A 459 18.98 -11.65 -40.17
C ASN A 459 20.17 -11.04 -39.42
N LYS A 460 19.94 -10.41 -38.26
CA LYS A 460 21.02 -9.83 -37.43
C LYS A 460 21.17 -10.61 -36.13
N LEU A 461 20.45 -11.73 -35.96
CA LEU A 461 20.64 -12.58 -34.75
C LEU A 461 21.47 -13.79 -35.19
N LYS A 462 22.64 -13.96 -34.54
CA LYS A 462 23.63 -15.02 -34.84
C LYS A 462 23.54 -16.15 -33.80
N ALA A 463 23.72 -17.41 -34.22
CA ALA A 463 23.75 -18.58 -33.32
C ALA A 463 25.16 -18.74 -32.75
N HIS A 464 25.31 -18.72 -31.43
CA HIS A 464 26.49 -19.25 -30.69
C HIS A 464 26.58 -20.75 -30.98
N LYS A 465 25.59 -21.51 -30.56
CA LYS A 465 25.58 -22.99 -30.67
C LYS A 465 25.55 -23.39 -32.13
N ASP A 466 25.96 -24.61 -32.43
CA ASP A 466 25.91 -25.19 -33.80
C ASP A 466 24.48 -25.68 -34.04
N LYS A 467 24.21 -26.27 -35.19
CA LYS A 467 23.00 -27.09 -35.39
C LYS A 467 23.03 -28.24 -34.36
N SER A 468 21.87 -28.55 -33.78
CA SER A 468 21.62 -29.70 -32.88
C SER A 468 21.29 -30.92 -33.74
N ALA A 469 20.74 -30.73 -34.93
CA ALA A 469 20.14 -31.80 -35.74
C ALA A 469 18.96 -32.44 -34.98
N GLN A 470 18.47 -31.81 -33.93
CA GLN A 470 17.33 -32.35 -33.13
C GLN A 470 16.12 -31.41 -33.22
N CYS A 471 15.99 -30.67 -34.32
CA CYS A 471 14.93 -29.68 -34.59
C CYS A 471 14.05 -30.25 -35.71
N PHE A 472 12.81 -30.63 -35.39
CA PHE A 472 11.89 -31.33 -36.32
C PHE A 472 10.58 -30.55 -36.45
N LYS A 473 9.93 -30.73 -37.60
CA LYS A 473 8.67 -30.04 -37.97
C LYS A 473 7.81 -31.02 -38.75
N MET A 474 6.52 -31.06 -38.40
N MET A 474 6.53 -31.07 -38.39
CA MET A 474 5.53 -31.91 -39.10
CA MET A 474 5.49 -31.92 -39.03
C MET A 474 4.32 -31.04 -39.43
C MET A 474 4.32 -31.02 -39.43
N PHE A 475 3.76 -31.24 -40.62
CA PHE A 475 2.57 -30.54 -41.12
C PHE A 475 1.39 -31.49 -40.93
N TYR A 476 0.62 -31.23 -39.87
CA TYR A 476 -0.57 -32.04 -39.51
C TYR A 476 -1.69 -31.13 -39.01
N LYS A 477 -2.78 -31.03 -39.78
CA LYS A 477 -3.92 -30.14 -39.43
C LYS A 477 -4.72 -30.83 -38.32
N GLY A 478 -4.79 -32.16 -38.41
CA GLY A 478 -5.48 -32.93 -37.37
C GLY A 478 -6.94 -32.56 -37.33
N VAL A 479 -7.48 -32.29 -36.15
CA VAL A 479 -8.93 -32.15 -35.90
C VAL A 479 -9.08 -31.17 -34.74
N ILE A 480 -9.70 -30.02 -34.99
CA ILE A 480 -9.78 -28.94 -33.99
C ILE A 480 -11.16 -28.99 -33.34
N THR A 481 -11.15 -29.03 -32.02
CA THR A 481 -12.35 -29.03 -31.15
C THR A 481 -12.24 -27.75 -30.33
N HIS A 482 -13.38 -27.15 -30.01
CA HIS A 482 -13.46 -25.87 -29.26
C HIS A 482 -14.21 -26.16 -27.97
N ASP A 483 -13.68 -25.70 -26.84
CA ASP A 483 -14.46 -25.63 -25.60
C ASP A 483 -14.85 -24.15 -25.44
N VAL A 484 -15.25 -23.74 -24.23
CA VAL A 484 -15.93 -22.43 -23.96
C VAL A 484 -15.05 -21.24 -24.39
N SER A 485 -13.71 -21.37 -24.35
CA SER A 485 -12.78 -20.23 -24.59
C SER A 485 -11.42 -20.66 -25.17
N SER A 486 -11.23 -21.94 -25.48
CA SER A 486 -9.90 -22.52 -25.79
C SER A 486 -10.07 -23.53 -26.93
N ALA A 487 -8.95 -24.04 -27.45
CA ALA A 487 -8.89 -24.97 -28.61
C ALA A 487 -8.15 -26.24 -28.18
N ILE A 488 -8.51 -27.35 -28.79
CA ILE A 488 -7.90 -28.68 -28.53
C ILE A 488 -7.65 -29.37 -29.87
N ASN A 489 -6.41 -29.85 -30.09
CA ASN A 489 -6.06 -30.68 -31.27
C ASN A 489 -5.50 -32.02 -30.80
N ARG A 490 -6.41 -32.99 -30.69
CA ARG A 490 -6.15 -34.33 -30.09
C ARG A 490 -5.27 -35.13 -31.03
N PRO A 491 -5.56 -35.21 -32.35
CA PRO A 491 -4.66 -35.89 -33.27
C PRO A 491 -3.23 -35.31 -33.28
N GLN A 492 -3.07 -34.01 -33.09
CA GLN A 492 -1.70 -33.42 -32.92
C GLN A 492 -1.06 -33.96 -31.64
N ILE A 493 -1.85 -34.20 -30.59
CA ILE A 493 -1.31 -34.83 -29.36
C ILE A 493 -1.05 -36.30 -29.67
N GLY A 494 -1.98 -36.97 -30.35
CA GLY A 494 -1.73 -38.33 -30.85
C GLY A 494 -0.34 -38.39 -31.46
N VAL A 495 -0.08 -37.58 -32.49
CA VAL A 495 1.17 -37.66 -33.28
C VAL A 495 2.37 -37.54 -32.30
N VAL A 496 2.25 -36.69 -31.27
CA VAL A 496 3.32 -36.46 -30.27
C VAL A 496 3.46 -37.70 -29.38
N ARG A 497 2.35 -38.34 -29.00
CA ARG A 497 2.37 -39.64 -28.27
C ARG A 497 3.21 -40.62 -29.11
N GLU A 498 2.94 -40.71 -30.41
CA GLU A 498 3.60 -41.66 -31.34
C GLU A 498 5.08 -41.29 -31.49
N PHE A 499 5.40 -40.00 -31.50
CA PHE A 499 6.80 -39.54 -31.64
C PHE A 499 7.59 -39.94 -30.40
N LEU A 500 6.96 -39.85 -29.22
CA LEU A 500 7.61 -40.13 -27.90
C LEU A 500 7.88 -41.65 -27.78
N THR A 501 6.99 -42.52 -28.29
CA THR A 501 7.21 -43.99 -28.23
C THR A 501 8.37 -44.37 -29.16
N ARG A 502 8.63 -43.61 -30.22
CA ARG A 502 9.76 -43.85 -31.15
C ARG A 502 11.03 -43.15 -30.67
N ASN A 503 10.89 -42.20 -29.74
CA ASN A 503 11.96 -41.25 -29.33
C ASN A 503 11.79 -40.98 -27.84
N PRO A 504 11.89 -42.04 -27.00
CA PRO A 504 11.65 -41.89 -25.56
C PRO A 504 12.54 -40.90 -24.83
N ALA A 505 13.69 -40.56 -25.38
CA ALA A 505 14.58 -39.52 -24.79
C ALA A 505 13.76 -38.24 -24.60
N TRP A 506 12.82 -37.99 -25.52
CA TRP A 506 12.05 -36.71 -25.61
C TRP A 506 11.03 -36.61 -24.48
N ARG A 507 11.04 -37.54 -23.52
CA ARG A 507 10.11 -37.55 -22.36
C ARG A 507 10.68 -36.61 -21.29
N LYS A 508 11.85 -36.02 -21.51
CA LYS A 508 12.36 -34.90 -20.67
C LYS A 508 11.89 -33.55 -21.23
N ALA A 509 11.13 -33.54 -22.33
CA ALA A 509 10.72 -32.31 -23.04
C ALA A 509 9.57 -31.62 -22.30
N VAL A 510 9.54 -30.29 -22.36
CA VAL A 510 8.37 -29.45 -21.96
C VAL A 510 7.38 -29.44 -23.12
N PHE A 511 6.08 -29.49 -22.83
CA PHE A 511 5.01 -29.37 -23.86
C PHE A 511 4.53 -27.91 -23.93
N ILE A 512 4.52 -27.34 -25.14
CA ILE A 512 4.09 -25.93 -25.30
C ILE A 512 2.97 -25.91 -26.34
N SER A 513 1.88 -25.21 -26.05
CA SER A 513 0.86 -24.84 -27.07
C SER A 513 0.36 -23.42 -26.83
N PRO A 514 -0.31 -22.83 -27.83
CA PRO A 514 -0.96 -21.54 -27.66
C PRO A 514 -2.27 -21.58 -26.86
N TYR A 515 -2.76 -22.74 -26.43
CA TYR A 515 -4.06 -22.89 -25.73
C TYR A 515 -3.95 -23.75 -24.47
N ASN A 516 -4.31 -23.18 -23.32
CA ASN A 516 -4.34 -23.88 -21.99
C ASN A 516 -5.13 -25.20 -22.08
N SER A 517 -6.16 -25.32 -22.92
CA SER A 517 -6.99 -26.56 -22.95
C SER A 517 -6.27 -27.69 -23.70
N GLN A 518 -5.56 -27.38 -24.79
CA GLN A 518 -4.63 -28.32 -25.46
C GLN A 518 -3.64 -28.82 -24.39
N ASN A 519 -2.95 -27.88 -23.75
CA ASN A 519 -2.00 -28.11 -22.64
C ASN A 519 -2.63 -29.09 -21.63
N ALA A 520 -3.91 -28.96 -21.29
CA ALA A 520 -4.54 -29.78 -20.24
C ALA A 520 -4.69 -31.21 -20.77
N VAL A 521 -5.11 -31.34 -22.02
CA VAL A 521 -5.33 -32.67 -22.66
C VAL A 521 -3.96 -33.33 -22.92
N ALA A 522 -2.92 -32.53 -23.18
CA ALA A 522 -1.53 -33.01 -23.41
C ALA A 522 -0.95 -33.57 -22.10
N SER A 523 -1.20 -32.89 -20.99
CA SER A 523 -0.68 -33.23 -19.64
C SER A 523 -1.18 -34.62 -19.23
N LYS A 524 -2.46 -34.85 -19.45
CA LYS A 524 -3.17 -36.11 -19.12
C LYS A 524 -2.63 -37.24 -20.02
N ILE A 525 -2.58 -37.04 -21.34
CA ILE A 525 -2.21 -38.08 -22.34
C ILE A 525 -0.68 -38.31 -22.43
N LEU A 526 0.15 -37.31 -22.16
CA LEU A 526 1.64 -37.41 -22.37
C LEU A 526 2.37 -37.36 -21.03
N GLY A 527 1.89 -36.58 -20.06
CA GLY A 527 2.59 -36.43 -18.78
C GLY A 527 3.80 -35.52 -18.86
N LEU A 528 4.05 -34.87 -20.00
CA LEU A 528 5.05 -33.78 -20.06
C LEU A 528 4.54 -32.62 -19.21
N PRO A 529 5.43 -31.84 -18.56
CA PRO A 529 5.04 -30.53 -18.03
C PRO A 529 4.59 -29.70 -19.23
N THR A 530 3.61 -28.82 -19.02
CA THR A 530 3.03 -27.93 -20.05
C THR A 530 3.24 -26.46 -19.66
N GLN A 531 3.45 -25.63 -20.67
CA GLN A 531 3.44 -24.15 -20.62
C GLN A 531 2.59 -23.66 -21.80
N THR A 532 1.92 -22.53 -21.64
CA THR A 532 1.45 -21.76 -22.82
C THR A 532 2.65 -20.96 -23.31
N VAL A 533 2.74 -20.70 -24.60
CA VAL A 533 3.81 -19.80 -25.12
C VAL A 533 3.95 -18.64 -24.13
N ASP A 534 2.82 -18.04 -23.76
CA ASP A 534 2.77 -16.75 -23.01
C ASP A 534 3.37 -16.98 -21.61
N SER A 535 3.11 -18.13 -20.99
CA SER A 535 3.62 -18.45 -19.62
C SER A 535 5.06 -18.94 -19.72
N SER A 536 5.46 -19.36 -20.94
CA SER A 536 6.80 -19.90 -21.28
C SER A 536 7.80 -18.76 -21.53
N GLN A 537 7.35 -17.57 -21.95
CA GLN A 537 8.25 -16.40 -22.19
C GLN A 537 9.18 -16.25 -20.98
N GLY A 538 10.49 -16.08 -21.20
CA GLY A 538 11.48 -15.91 -20.11
C GLY A 538 12.08 -17.21 -19.56
N SER A 539 11.50 -18.38 -19.85
CA SER A 539 11.99 -19.72 -19.40
C SER A 539 12.75 -20.40 -20.53
N GLU A 540 13.72 -21.27 -20.21
CA GLU A 540 14.35 -22.16 -21.24
C GLU A 540 14.23 -23.62 -20.80
N TYR A 541 14.24 -24.54 -21.77
CA TYR A 541 14.20 -26.01 -21.55
C TYR A 541 15.05 -26.69 -22.65
N ASP A 542 15.68 -27.82 -22.33
CA ASP A 542 16.55 -28.52 -23.32
C ASP A 542 15.69 -28.95 -24.50
N TYR A 543 14.51 -29.53 -24.23
CA TYR A 543 13.62 -30.12 -25.27
C TYR A 543 12.20 -29.56 -25.14
N VAL A 544 11.64 -29.16 -26.27
CA VAL A 544 10.32 -28.47 -26.34
C VAL A 544 9.49 -29.25 -27.34
N ILE A 545 8.27 -29.61 -26.99
CA ILE A 545 7.32 -30.14 -28.00
C ILE A 545 6.17 -29.14 -28.12
N PHE A 546 5.99 -28.61 -29.33
CA PHE A 546 5.04 -27.51 -29.64
C PHE A 546 3.99 -28.06 -30.58
N THR A 547 2.72 -27.97 -30.20
CA THR A 547 1.56 -28.23 -31.11
C THR A 547 0.84 -26.90 -31.38
N GLN A 548 0.78 -26.47 -32.63
CA GLN A 548 0.16 -25.18 -33.02
C GLN A 548 -1.33 -25.25 -32.66
N THR A 549 -1.96 -26.41 -32.82
CA THR A 549 -3.37 -26.69 -32.42
C THR A 549 -4.33 -26.15 -33.50
N THR A 550 -4.25 -24.86 -33.83
CA THR A 550 -5.08 -24.18 -34.89
C THR A 550 -4.20 -23.33 -35.81
N GLU A 551 -4.82 -22.73 -36.85
CA GLU A 551 -4.17 -21.74 -37.75
C GLU A 551 -4.64 -20.32 -37.46
N THR A 552 -5.14 -20.04 -36.27
CA THR A 552 -5.77 -18.72 -35.96
C THR A 552 -4.76 -17.58 -36.04
N ALA A 553 -5.28 -16.35 -36.03
CA ALA A 553 -4.53 -15.13 -35.69
C ALA A 553 -3.66 -15.40 -34.46
N HIS A 554 -4.25 -15.99 -33.41
CA HIS A 554 -3.58 -16.25 -32.09
C HIS A 554 -2.41 -17.23 -32.27
N SER A 555 -2.61 -18.33 -32.99
CA SER A 555 -1.64 -19.43 -33.05
C SER A 555 -0.60 -19.16 -34.16
N CYS A 556 -0.86 -18.17 -35.03
CA CYS A 556 0.05 -17.75 -36.11
C CYS A 556 0.70 -16.43 -35.73
N ASN A 557 0.45 -15.90 -34.53
CA ASN A 557 1.03 -14.57 -34.20
C ASN A 557 2.56 -14.73 -34.23
N VAL A 558 3.25 -13.99 -35.11
CA VAL A 558 4.70 -14.23 -35.33
C VAL A 558 5.45 -14.04 -34.01
N ASN A 559 5.01 -13.15 -33.14
CA ASN A 559 5.73 -12.95 -31.85
C ASN A 559 5.55 -14.17 -30.94
N ARG A 560 4.36 -14.74 -30.94
CA ARG A 560 4.10 -15.94 -30.11
C ARG A 560 5.05 -17.02 -30.59
N PHE A 561 5.16 -17.17 -31.91
CA PHE A 561 5.94 -18.26 -32.55
C PHE A 561 7.43 -18.09 -32.23
N ASN A 562 7.93 -16.86 -32.36
CA ASN A 562 9.30 -16.45 -31.92
C ASN A 562 9.54 -16.95 -30.48
N VAL A 563 8.62 -16.72 -29.55
CA VAL A 563 8.78 -17.18 -28.13
C VAL A 563 8.64 -18.72 -28.06
N ALA A 564 7.74 -19.31 -28.81
CA ALA A 564 7.44 -20.75 -28.62
C ALA A 564 8.74 -21.53 -28.83
N ILE A 565 9.42 -21.27 -29.95
CA ILE A 565 10.50 -22.14 -30.50
C ILE A 565 11.88 -21.72 -29.96
N THR A 566 12.03 -20.54 -29.38
CA THR A 566 13.29 -20.08 -28.74
C THR A 566 13.33 -20.48 -27.26
N ARG A 567 12.47 -21.41 -26.84
CA ARG A 567 12.47 -21.94 -25.45
C ARG A 567 13.49 -23.09 -25.35
N ALA A 568 13.80 -23.75 -26.47
CA ALA A 568 14.67 -24.96 -26.60
C ALA A 568 16.16 -24.59 -26.60
N LYS A 569 16.94 -25.23 -25.72
CA LYS A 569 18.44 -25.16 -25.70
C LYS A 569 19.02 -26.21 -26.65
N VAL A 570 18.30 -27.31 -26.94
CA VAL A 570 18.91 -28.48 -27.63
C VAL A 570 18.06 -28.98 -28.80
N GLY A 571 16.82 -29.42 -28.57
CA GLY A 571 15.97 -29.89 -29.67
C GLY A 571 14.53 -29.42 -29.52
N ILE A 572 13.77 -29.40 -30.61
CA ILE A 572 12.34 -29.02 -30.62
C ILE A 572 11.60 -29.88 -31.64
N LEU A 573 10.37 -30.29 -31.32
CA LEU A 573 9.41 -30.82 -32.32
C LEU A 573 8.28 -29.81 -32.42
N CYS A 574 8.02 -29.28 -33.62
CA CYS A 574 6.89 -28.36 -33.92
C CYS A 574 5.86 -29.13 -34.75
N ILE A 575 4.69 -29.47 -34.19
CA ILE A 575 3.52 -29.98 -34.99
C ILE A 575 2.73 -28.74 -35.43
N MET A 576 2.71 -28.46 -36.73
CA MET A 576 2.23 -27.18 -37.31
C MET A 576 0.89 -27.40 -38.04
N SER A 577 0.01 -26.41 -37.90
CA SER A 577 -1.29 -26.30 -38.59
C SER A 577 -1.17 -25.36 -39.78
N ASP A 578 -0.28 -24.37 -39.69
CA ASP A 578 -0.20 -23.24 -40.64
C ASP A 578 0.85 -23.58 -41.69
N ARG A 579 0.45 -23.67 -42.96
CA ARG A 579 1.40 -23.98 -44.06
C ARG A 579 2.48 -22.89 -44.10
N ASP A 580 2.17 -21.65 -43.71
CA ASP A 580 3.09 -20.48 -43.79
C ASP A 580 4.28 -20.71 -42.87
N LEU A 581 4.10 -20.63 -41.55
CA LEU A 581 5.20 -20.78 -40.56
C LEU A 581 5.83 -22.19 -40.66
N TYR A 582 5.07 -23.24 -40.98
CA TYR A 582 5.69 -24.55 -41.25
C TYR A 582 6.86 -24.35 -42.22
N ASP A 583 6.60 -23.66 -43.34
CA ASP A 583 7.59 -23.46 -44.43
C ASP A 583 8.75 -22.59 -43.92
N LYS A 584 8.49 -21.63 -43.02
CA LYS A 584 9.54 -20.74 -42.43
C LYS A 584 10.37 -21.50 -41.38
N LEU A 585 9.98 -22.70 -40.97
CA LEU A 585 10.78 -23.51 -40.02
C LEU A 585 11.92 -24.19 -40.80
N GLN A 586 13.17 -23.75 -40.54
CA GLN A 586 14.43 -24.34 -41.09
C GLN A 586 14.75 -25.59 -40.26
N PHE A 587 13.86 -26.57 -40.28
CA PHE A 587 13.86 -27.75 -39.39
C PHE A 587 13.83 -28.95 -40.30
N THR A 588 14.32 -30.08 -39.83
CA THR A 588 14.19 -31.37 -40.53
C THR A 588 12.70 -31.68 -40.60
N SER A 589 12.15 -31.84 -41.79
CA SER A 589 10.74 -32.21 -41.97
C SER A 589 10.60 -33.68 -41.64
N LEU A 590 9.42 -34.08 -41.16
CA LEU A 590 9.06 -35.47 -40.75
C LEU A 590 7.69 -35.77 -41.37
N GLU A 591 7.48 -36.96 -41.93
CA GLU A 591 6.16 -37.37 -42.52
C GLU A 591 5.24 -37.87 -41.39
N ILE A 592 3.97 -38.10 -41.73
CA ILE A 592 2.89 -38.48 -40.78
C ILE A 592 2.84 -40.01 -40.69
N PRO A 593 2.86 -40.61 -39.48
CA PRO A 593 2.71 -42.05 -39.35
C PRO A 593 1.49 -42.62 -40.07
N ALA B 1 26.90 5.75 2.16
CA ALA B 1 27.33 6.09 3.55
C ALA B 1 27.46 7.60 3.75
N VAL B 2 26.84 8.41 2.87
CA VAL B 2 26.79 9.90 2.98
C VAL B 2 25.36 10.29 3.37
N GLY B 3 25.22 11.16 4.38
CA GLY B 3 23.93 11.64 4.89
C GLY B 3 24.07 12.92 5.69
N ALA B 4 22.96 13.41 6.23
CA ALA B 4 22.89 14.63 7.07
C ALA B 4 23.09 14.23 8.54
N CYS B 5 23.46 15.19 9.38
CA CYS B 5 23.72 15.01 10.83
C CYS B 5 22.41 15.18 11.61
N VAL B 6 21.88 14.11 12.21
CA VAL B 6 20.50 14.09 12.77
C VAL B 6 20.39 15.07 13.95
N LEU B 7 21.40 15.91 14.18
CA LEU B 7 21.37 16.91 15.29
C LEU B 7 21.55 18.35 14.78
N CYS B 8 22.46 18.58 13.83
CA CYS B 8 22.79 19.91 13.24
C CYS B 8 22.68 19.92 11.71
N ASN B 9 22.35 18.76 11.09
CA ASN B 9 21.99 18.62 9.65
C ASN B 9 23.25 18.53 8.78
N SER B 10 24.43 18.92 9.28
CA SER B 10 25.73 18.91 8.55
C SER B 10 25.86 17.61 7.74
N GLN B 11 26.38 17.71 6.51
CA GLN B 11 26.71 16.54 5.66
C GLN B 11 27.83 15.77 6.37
N THR B 12 27.75 14.43 6.40
CA THR B 12 28.76 13.56 7.07
C THR B 12 28.77 12.16 6.45
N SER B 13 29.87 11.45 6.67
CA SER B 13 30.11 10.04 6.29
C SER B 13 29.81 9.12 7.48
N LEU B 14 29.65 9.69 8.67
CA LEU B 14 29.77 8.97 9.97
C LEU B 14 28.39 8.71 10.59
N ARG B 15 27.97 7.44 10.59
CA ARG B 15 26.83 6.92 11.39
C ARG B 15 27.40 6.22 12.63
N CYS B 16 26.71 6.31 13.78
CA CYS B 16 27.00 5.51 15.01
C CYS B 16 26.47 4.08 14.81
N GLY B 17 27.33 3.07 14.95
CA GLY B 17 26.97 1.65 14.81
C GLY B 17 26.51 1.08 16.14
N ALA B 18 26.35 1.94 17.15
CA ALA B 18 25.97 1.56 18.52
C ALA B 18 24.52 1.96 18.79
N CYS B 19 24.06 3.12 18.30
CA CYS B 19 22.62 3.43 18.10
C CYS B 19 21.90 2.36 17.26
N ILE B 20 20.70 1.90 17.66
CA ILE B 20 19.95 0.77 17.00
C ILE B 20 19.46 1.20 15.61
N ARG B 21 19.35 2.50 15.35
CA ARG B 21 18.96 3.06 14.03
C ARG B 21 20.17 3.21 13.11
N ARG B 22 21.31 3.70 13.63
CA ARG B 22 22.58 4.02 12.90
C ARG B 22 22.47 5.42 12.29
N PRO B 23 22.19 6.45 13.10
CA PRO B 23 22.11 7.82 12.61
C PRO B 23 23.43 8.42 12.15
N PHE B 24 23.39 9.11 11.00
CA PHE B 24 24.42 10.06 10.50
C PHE B 24 24.66 11.16 11.56
N LEU B 25 25.82 11.14 12.23
CA LEU B 25 26.29 12.21 13.15
C LEU B 25 27.46 12.98 12.51
N CYS B 26 27.41 14.32 12.57
CA CYS B 26 28.52 15.21 12.14
C CYS B 26 29.70 15.02 13.10
N CYS B 27 30.91 15.18 12.56
CA CYS B 27 32.22 15.04 13.28
C CYS B 27 32.16 15.67 14.68
N LYS B 28 31.91 16.97 14.80
CA LYS B 28 31.90 17.73 16.08
C LYS B 28 30.93 17.07 17.08
N CYS B 29 29.79 16.56 16.59
CA CYS B 29 28.70 15.95 17.39
C CYS B 29 29.02 14.47 17.67
N CYS B 30 29.38 13.67 16.65
CA CYS B 30 29.73 12.22 16.76
C CYS B 30 30.81 11.98 17.83
N TYR B 31 31.62 13.00 18.11
CA TYR B 31 32.60 12.99 19.21
C TYR B 31 31.83 12.95 20.53
N ASP B 32 31.08 14.02 20.79
CA ASP B 32 30.36 14.28 22.07
C ASP B 32 29.42 13.10 22.36
N HIS B 33 28.96 12.35 21.34
CA HIS B 33 28.27 11.04 21.51
C HIS B 33 29.26 10.05 22.13
N VAL B 34 30.39 9.75 21.45
CA VAL B 34 31.24 8.56 21.75
C VAL B 34 32.07 8.79 23.01
N ILE B 35 32.31 10.04 23.37
CA ILE B 35 33.09 10.42 24.59
C ILE B 35 32.20 10.42 25.86
N SER B 36 30.87 10.32 25.72
CA SER B 36 29.90 10.44 26.85
C SER B 36 28.94 9.23 26.94
N THR B 37 29.02 8.26 26.02
CA THR B 37 28.18 7.04 26.03
C THR B 37 29.07 5.78 25.90
N SER B 38 28.50 4.61 26.18
CA SER B 38 29.09 3.27 25.90
C SER B 38 29.11 3.04 24.38
N HIS B 39 28.64 4.03 23.62
CA HIS B 39 28.54 3.99 22.13
C HIS B 39 29.91 4.41 21.56
N LYS B 40 30.70 3.45 21.09
CA LYS B 40 32.10 3.68 20.66
C LYS B 40 32.26 3.37 19.16
N LEU B 41 31.42 2.50 18.58
CA LEU B 41 31.52 2.08 17.16
C LEU B 41 31.00 3.18 16.24
N VAL B 42 31.86 3.66 15.34
CA VAL B 42 31.50 4.59 14.23
C VAL B 42 31.52 3.77 12.93
N LEU B 43 30.71 4.14 11.94
CA LEU B 43 30.73 3.56 10.58
C LEU B 43 30.82 4.69 9.55
N SER B 44 31.25 4.37 8.32
CA SER B 44 31.09 5.13 7.06
C SER B 44 31.04 4.12 5.89
N VAL B 45 31.68 4.42 4.76
CA VAL B 45 31.92 3.43 3.65
C VAL B 45 32.50 2.17 4.30
N ASN B 46 33.48 2.37 5.19
CA ASN B 46 34.29 1.32 5.86
C ASN B 46 34.14 1.50 7.37
N PRO B 47 33.95 0.40 8.15
CA PRO B 47 33.93 0.49 9.61
C PRO B 47 35.23 1.07 10.21
N TYR B 48 35.11 2.07 11.07
CA TYR B 48 36.20 2.56 11.95
C TYR B 48 36.58 1.45 12.93
N VAL B 49 37.48 0.55 12.49
CA VAL B 49 38.08 -0.56 13.27
C VAL B 49 39.58 -0.62 12.93
N CYS B 50 40.42 -1.04 13.88
CA CYS B 50 41.88 -1.33 13.65
C CYS B 50 42.00 -2.27 12.46
N ASN B 51 42.64 -1.82 11.38
CA ASN B 51 42.71 -2.57 10.10
C ASN B 51 43.74 -3.72 10.22
N ALA B 52 44.58 -3.69 11.26
CA ALA B 52 45.61 -4.70 11.57
C ALA B 52 45.00 -6.10 11.60
N PRO B 53 45.63 -7.13 11.01
CA PRO B 53 45.10 -8.51 11.07
C PRO B 53 44.81 -8.95 12.51
N GLY B 54 43.61 -9.49 12.75
CA GLY B 54 43.28 -10.28 13.96
C GLY B 54 43.03 -9.43 15.19
N CYS B 55 43.48 -8.17 15.18
CA CYS B 55 43.13 -7.17 16.22
C CYS B 55 41.61 -7.04 16.24
N ASP B 56 41.03 -6.61 17.37
CA ASP B 56 39.55 -6.57 17.55
C ASP B 56 39.10 -5.17 17.99
N VAL B 57 40.03 -4.23 18.25
CA VAL B 57 39.73 -2.84 18.75
C VAL B 57 38.81 -2.14 17.75
N THR B 58 37.57 -1.85 18.16
CA THR B 58 36.54 -1.13 17.37
C THR B 58 36.30 0.27 17.97
N ASP B 59 36.77 0.50 19.20
CA ASP B 59 36.48 1.75 19.96
C ASP B 59 37.24 2.91 19.31
N VAL B 60 36.51 3.76 18.57
CA VAL B 60 36.97 5.01 17.90
C VAL B 60 37.89 5.86 18.81
N THR B 61 37.74 5.78 20.13
CA THR B 61 38.49 6.62 21.12
C THR B 61 39.92 6.08 21.26
N GLN B 62 40.13 4.81 20.89
CA GLN B 62 41.42 4.08 20.89
C GLN B 62 41.82 3.72 19.46
N LEU B 63 41.59 4.61 18.48
CA LEU B 63 41.93 4.38 17.05
C LEU B 63 42.59 5.62 16.43
N TYR B 64 43.27 5.42 15.30
CA TYR B 64 44.11 6.44 14.61
C TYR B 64 44.01 6.27 13.10
N LEU B 65 44.25 7.37 12.37
CA LEU B 65 44.46 7.40 10.90
C LEU B 65 45.97 7.22 10.62
N GLY B 66 46.34 6.14 9.91
CA GLY B 66 47.71 5.87 9.43
C GLY B 66 47.71 5.64 7.93
N GLY B 67 48.01 6.69 7.15
CA GLY B 67 47.71 6.74 5.72
C GLY B 67 46.21 6.78 5.47
N MET B 68 45.72 5.90 4.60
CA MET B 68 44.28 5.81 4.21
C MET B 68 43.49 5.02 5.27
N SER B 69 44.19 4.33 6.19
CA SER B 69 43.63 3.27 7.07
C SER B 69 43.67 3.64 8.57
N TYR B 70 43.09 2.78 9.41
CA TYR B 70 42.80 3.08 10.82
C TYR B 70 43.40 1.97 11.66
N TYR B 71 44.06 2.33 12.77
CA TYR B 71 44.84 1.40 13.63
C TYR B 71 44.65 1.80 15.09
N CYS B 72 44.75 0.84 16.00
CA CYS B 72 44.76 1.05 17.48
C CYS B 72 46.13 1.61 17.91
N LYS B 73 46.38 1.74 19.21
CA LYS B 73 47.64 2.30 19.75
C LYS B 73 48.77 1.28 19.58
N SER B 74 48.41 -0.01 19.51
CA SER B 74 49.34 -1.18 19.36
C SER B 74 49.79 -1.39 17.90
N HIS B 75 49.21 -0.69 16.91
CA HIS B 75 49.36 -1.04 15.47
C HIS B 75 49.53 0.18 14.58
N LYS B 76 49.25 1.39 15.07
CA LYS B 76 49.40 2.65 14.27
C LYS B 76 50.85 2.74 13.82
N PRO B 77 51.15 3.35 12.66
CA PRO B 77 52.51 3.70 12.30
C PRO B 77 52.97 4.92 13.09
N PRO B 78 54.23 5.42 12.90
CA PRO B 78 54.66 6.65 13.57
C PRO B 78 53.79 7.88 13.24
N ILE B 79 53.65 8.20 11.95
CA ILE B 79 52.80 9.35 11.47
C ILE B 79 51.35 8.85 11.46
N SER B 80 50.62 9.13 12.55
CA SER B 80 49.19 8.79 12.70
C SER B 80 48.49 9.77 13.65
N PHE B 81 47.45 10.43 13.14
CA PHE B 81 46.45 11.25 13.87
C PHE B 81 45.50 10.32 14.63
N PRO B 82 45.14 10.64 15.91
CA PRO B 82 44.09 9.90 16.63
C PRO B 82 42.70 10.29 16.10
N LEU B 83 41.88 9.31 15.74
CA LEU B 83 40.54 9.56 15.15
C LEU B 83 39.76 10.56 16.01
N CYS B 84 39.94 10.51 17.34
CA CYS B 84 39.24 11.40 18.30
C CYS B 84 40.21 12.49 18.81
N ALA B 85 40.03 13.73 18.36
CA ALA B 85 40.85 14.88 18.78
C ALA B 85 40.07 16.19 18.62
N ASN B 86 40.44 17.22 19.40
CA ASN B 86 39.89 18.59 19.32
C ASN B 86 38.38 18.49 19.07
N GLY B 87 37.67 17.80 19.97
CA GLY B 87 36.20 17.68 20.03
C GLY B 87 35.58 17.13 18.76
N GLN B 88 36.36 16.42 17.92
CA GLN B 88 35.88 15.92 16.61
C GLN B 88 36.37 14.48 16.39
N VAL B 89 35.67 13.75 15.53
CA VAL B 89 36.04 12.40 14.98
C VAL B 89 36.26 12.60 13.49
N PHE B 90 37.46 12.33 13.00
CA PHE B 90 37.86 12.46 11.58
C PHE B 90 36.76 11.85 10.69
N GLY B 91 36.30 12.63 9.71
CA GLY B 91 35.30 12.22 8.70
C GLY B 91 35.16 13.29 7.62
N LEU B 92 34.37 13.02 6.58
CA LEU B 92 34.22 13.93 5.41
C LEU B 92 33.48 15.20 5.86
N TYR B 93 33.72 16.32 5.15
CA TYR B 93 32.97 17.60 5.24
C TYR B 93 33.27 18.34 6.55
N LYS B 94 34.33 17.96 7.28
CA LYS B 94 34.71 18.48 8.63
C LYS B 94 34.85 20.00 8.60
N VAL B 103 23.19 17.72 22.27
CA VAL B 103 23.67 16.31 22.09
C VAL B 103 23.47 15.53 23.40
N THR B 104 23.62 16.18 24.57
CA THR B 104 23.21 15.65 25.90
C THR B 104 21.93 14.84 25.68
N ASP B 105 20.86 15.54 25.30
CA ASP B 105 19.51 14.98 24.98
C ASP B 105 19.66 13.81 24.00
N PHE B 106 20.39 14.01 22.90
CA PHE B 106 20.62 12.95 21.88
C PHE B 106 21.17 11.71 22.60
N ASN B 107 22.10 11.92 23.53
CA ASN B 107 22.85 10.81 24.18
C ASN B 107 21.87 9.99 25.03
N ALA B 108 21.14 10.67 25.93
CA ALA B 108 20.04 10.11 26.75
C ALA B 108 19.09 9.28 25.87
N ILE B 109 18.67 9.83 24.73
CA ILE B 109 17.68 9.16 23.83
C ILE B 109 18.29 7.88 23.25
N ALA B 110 19.50 7.97 22.69
CA ALA B 110 20.23 6.86 22.02
C ALA B 110 20.46 5.67 22.95
N THR B 111 20.72 5.94 24.23
CA THR B 111 21.21 4.95 25.22
C THR B 111 20.09 4.43 26.15
N CYS B 112 18.98 5.17 26.34
CA CYS B 112 17.85 4.78 27.24
C CYS B 112 17.12 3.55 26.67
N ASP B 113 16.48 2.76 27.53
CA ASP B 113 15.80 1.46 27.20
C ASP B 113 14.27 1.64 27.13
N TRP B 114 13.75 2.84 27.46
CA TRP B 114 12.34 3.29 27.23
C TRP B 114 11.39 2.62 28.25
N THR B 115 11.85 2.40 29.48
CA THR B 115 11.08 1.75 30.58
C THR B 115 10.74 2.84 31.61
N ASN B 116 11.36 4.00 31.47
CA ASN B 116 11.22 5.17 32.37
C ASN B 116 10.37 6.25 31.69
N ALA B 117 9.45 6.89 32.43
CA ALA B 117 8.67 8.06 31.94
C ALA B 117 9.60 9.12 31.36
N GLY B 118 10.58 9.56 32.15
CA GLY B 118 11.62 10.55 31.78
C GLY B 118 12.19 10.32 30.38
N ASP B 119 12.20 9.09 29.89
CA ASP B 119 12.62 8.76 28.51
C ASP B 119 11.65 9.42 27.52
N TYR B 120 10.35 9.27 27.80
CA TYR B 120 9.26 9.74 26.91
C TYR B 120 9.18 11.26 27.09
N ILE B 121 9.45 11.74 28.30
CA ILE B 121 9.39 13.19 28.60
C ILE B 121 10.36 13.89 27.67
N LEU B 122 11.62 13.47 27.72
CA LEU B 122 12.74 14.04 26.93
C LEU B 122 12.43 13.92 25.43
N ALA B 123 11.86 12.79 24.97
CA ALA B 123 11.53 12.53 23.55
C ALA B 123 10.40 13.48 23.05
N ASN B 124 9.90 14.37 23.90
CA ASN B 124 8.80 15.33 23.58
C ASN B 124 9.19 16.75 24.00
N THR B 125 10.24 16.92 24.82
CA THR B 125 10.80 18.24 25.19
C THR B 125 12.07 18.55 24.34
N CYS B 126 12.50 17.60 23.50
CA CYS B 126 13.74 17.73 22.70
C CYS B 126 13.52 18.65 21.48
N THR B 127 14.48 18.71 20.56
CA THR B 127 14.38 19.38 19.23
C THR B 127 13.56 18.48 18.29
N GLU B 128 13.04 19.05 17.19
CA GLU B 128 12.10 18.37 16.27
C GLU B 128 12.80 17.18 15.59
N ARG B 129 14.03 17.35 15.12
CA ARG B 129 14.78 16.24 14.45
C ARG B 129 14.98 15.09 15.46
N LEU B 130 15.21 15.42 16.72
CA LEU B 130 15.48 14.41 17.78
C LEU B 130 14.21 13.64 18.11
N LYS B 131 13.04 14.29 18.07
CA LYS B 131 11.74 13.64 18.34
C LYS B 131 11.60 12.47 17.36
N LEU B 132 12.02 12.65 16.10
CA LEU B 132 11.91 11.58 15.05
C LEU B 132 12.91 10.46 15.35
N PHE B 133 14.14 10.81 15.73
CA PHE B 133 15.18 9.83 16.14
C PHE B 133 14.62 9.05 17.33
N ALA B 134 14.25 9.79 18.39
CA ALA B 134 13.58 9.32 19.63
C ALA B 134 12.40 8.40 19.28
N ALA B 135 11.47 8.90 18.44
CA ALA B 135 10.29 8.18 17.94
C ALA B 135 10.70 6.89 17.23
N GLU B 136 11.69 6.98 16.35
CA GLU B 136 12.12 5.87 15.46
C GLU B 136 12.81 4.81 16.33
N THR B 137 13.69 5.26 17.25
CA THR B 137 14.42 4.38 18.20
C THR B 137 13.42 3.61 19.06
N LEU B 138 12.49 4.33 19.69
CA LEU B 138 11.48 3.74 20.60
C LEU B 138 10.76 2.60 19.86
N LYS B 139 10.21 2.91 18.68
CA LYS B 139 9.46 1.93 17.86
C LYS B 139 10.38 0.75 17.53
N ALA B 140 11.65 1.03 17.17
CA ALA B 140 12.66 -0.01 16.89
C ALA B 140 12.77 -0.89 18.13
N THR B 141 13.09 -0.27 19.27
CA THR B 141 13.26 -0.96 20.58
C THR B 141 11.98 -1.73 20.95
N GLU B 142 10.81 -1.08 20.85
CA GLU B 142 9.49 -1.73 21.10
C GLU B 142 9.40 -3.01 20.26
N GLU B 143 9.75 -2.92 18.97
CA GLU B 143 9.53 -4.01 17.99
C GLU B 143 10.56 -5.12 18.24
N THR B 144 11.83 -4.77 18.50
CA THR B 144 12.93 -5.75 18.73
C THR B 144 12.71 -6.46 20.08
N PHE B 145 11.93 -5.88 20.99
CA PHE B 145 11.58 -6.53 22.28
C PHE B 145 10.52 -7.62 22.04
N LYS B 146 9.64 -7.47 21.03
CA LYS B 146 8.51 -8.42 20.76
C LYS B 146 9.07 -9.81 20.45
N LEU B 147 10.26 -9.88 19.86
CA LEU B 147 10.99 -11.12 19.50
C LEU B 147 11.31 -11.92 20.79
N SER B 148 11.42 -11.22 21.93
CA SER B 148 11.88 -11.73 23.24
C SER B 148 10.79 -12.54 23.98
N TYR B 149 9.53 -12.47 23.56
CA TYR B 149 8.40 -13.22 24.15
C TYR B 149 8.47 -14.70 23.72
N GLY B 150 7.60 -15.55 24.31
CA GLY B 150 7.57 -17.01 24.11
C GLY B 150 6.45 -17.46 23.17
N ILE B 151 6.80 -18.23 22.14
CA ILE B 151 5.86 -18.71 21.08
C ILE B 151 4.84 -19.67 21.74
N ALA B 152 3.55 -19.34 21.64
CA ALA B 152 2.40 -20.14 22.13
C ALA B 152 1.90 -21.04 21.00
N THR B 153 1.82 -22.35 21.22
CA THR B 153 1.23 -23.34 20.29
C THR B 153 0.04 -24.01 20.98
N VAL B 154 -1.01 -24.31 20.20
CA VAL B 154 -2.29 -24.91 20.69
C VAL B 154 -2.07 -26.40 20.93
N ARG B 155 -2.03 -26.82 22.20
CA ARG B 155 -1.90 -28.25 22.61
C ARG B 155 -3.15 -29.01 22.15
N GLU B 156 -4.33 -28.40 22.25
CA GLU B 156 -5.62 -29.01 21.80
C GLU B 156 -6.70 -27.92 21.63
N VAL B 157 -7.55 -28.06 20.60
CA VAL B 157 -8.75 -27.21 20.31
C VAL B 157 -9.87 -27.68 21.23
N LEU B 158 -10.71 -26.78 21.76
CA LEU B 158 -11.87 -27.14 22.63
C LEU B 158 -13.18 -26.94 21.86
N SER B 159 -13.47 -25.71 21.45
CA SER B 159 -14.71 -25.34 20.71
C SER B 159 -14.35 -24.39 19.55
N ASP B 160 -15.28 -23.52 19.15
CA ASP B 160 -15.13 -22.54 18.04
C ASP B 160 -14.66 -21.19 18.58
N ARG B 161 -14.45 -21.06 19.90
CA ARG B 161 -13.98 -19.81 20.55
C ARG B 161 -13.14 -20.08 21.81
N GLU B 162 -12.67 -21.32 22.04
CA GLU B 162 -11.81 -21.66 23.22
C GLU B 162 -10.79 -22.74 22.84
N LEU B 163 -9.63 -22.75 23.50
CA LEU B 163 -8.57 -23.77 23.33
C LEU B 163 -7.62 -23.76 24.55
N HIS B 164 -6.62 -24.65 24.56
CA HIS B 164 -5.59 -24.82 25.62
C HIS B 164 -4.20 -24.55 25.05
N LEU B 165 -3.51 -23.52 25.55
CA LEU B 165 -2.23 -23.00 24.99
C LEU B 165 -1.02 -23.53 25.76
N SER B 166 -0.03 -24.08 25.03
CA SER B 166 1.31 -24.50 25.53
C SER B 166 2.35 -23.47 25.09
N TRP B 167 3.02 -22.82 26.06
CA TRP B 167 4.00 -21.71 25.87
C TRP B 167 5.43 -22.27 25.84
N GLU B 168 6.35 -21.60 25.12
CA GLU B 168 7.77 -21.99 25.02
C GLU B 168 8.46 -21.74 26.37
N VAL B 169 9.36 -22.64 26.76
CA VAL B 169 10.11 -22.66 28.06
C VAL B 169 11.15 -21.52 28.06
N GLY B 170 11.39 -20.93 29.24
CA GLY B 170 12.53 -20.01 29.51
C GLY B 170 12.23 -18.56 29.19
N LYS B 171 11.17 -18.27 28.43
CA LYS B 171 10.79 -16.91 27.94
C LYS B 171 9.52 -16.44 28.65
N PRO B 172 9.31 -15.11 28.80
CA PRO B 172 8.11 -14.58 29.43
C PRO B 172 6.87 -14.80 28.54
N ARG B 173 5.67 -14.66 29.12
CA ARG B 173 4.35 -14.81 28.45
C ARG B 173 3.72 -13.43 28.28
N PRO B 174 3.25 -13.06 27.07
CA PRO B 174 2.53 -11.80 26.88
C PRO B 174 1.14 -11.84 27.50
N PRO B 175 0.67 -10.74 28.14
CA PRO B 175 -0.65 -10.75 28.77
C PRO B 175 -1.75 -10.96 27.73
N LEU B 176 -2.62 -11.96 27.97
CA LEU B 176 -3.68 -12.40 27.03
C LEU B 176 -4.89 -11.47 27.14
N ASN B 177 -4.86 -10.37 26.38
CA ASN B 177 -5.93 -9.34 26.32
C ASN B 177 -6.12 -8.93 24.87
N ARG B 178 -7.07 -8.03 24.59
CA ARG B 178 -7.36 -7.50 23.23
C ARG B 178 -6.15 -6.73 22.70
N ASN B 179 -5.29 -6.20 23.60
CA ASN B 179 -4.07 -5.41 23.26
C ASN B 179 -3.18 -6.21 22.31
N TYR B 180 -2.71 -7.38 22.75
CA TYR B 180 -1.65 -8.19 22.08
C TYR B 180 -2.27 -9.06 21.00
N VAL B 181 -2.13 -8.65 19.73
CA VAL B 181 -2.60 -9.42 18.54
C VAL B 181 -1.43 -10.27 18.03
N PHE B 182 -1.61 -11.60 18.04
CA PHE B 182 -0.63 -12.60 17.53
C PHE B 182 -0.99 -12.95 16.10
N THR B 183 0.00 -13.40 15.32
CA THR B 183 -0.19 -14.02 13.99
C THR B 183 -0.09 -15.54 14.17
N GLY B 184 -1.05 -16.29 13.60
CA GLY B 184 -1.06 -17.76 13.56
C GLY B 184 -0.31 -18.28 12.36
N TYR B 185 0.28 -19.46 12.45
CA TYR B 185 1.13 -20.08 11.41
C TYR B 185 0.95 -21.61 11.41
N GLN B 194 0.29 -18.34 7.30
CA GLN B 194 -0.12 -17.11 8.05
C GLN B 194 -1.65 -17.09 8.18
N ILE B 195 -2.20 -17.98 9.02
CA ILE B 195 -3.66 -18.27 9.12
C ILE B 195 -4.38 -17.08 9.77
N GLY B 196 -4.06 -15.85 9.36
CA GLY B 196 -4.66 -14.61 9.87
C GLY B 196 -4.26 -14.32 11.31
N GLU B 197 -4.61 -13.11 11.79
CA GLU B 197 -4.32 -12.65 13.17
C GLU B 197 -5.29 -13.32 14.16
N TYR B 198 -4.96 -13.31 15.44
CA TYR B 198 -5.81 -13.80 16.55
C TYR B 198 -5.54 -12.98 17.83
N THR B 199 -6.53 -12.93 18.73
CA THR B 199 -6.40 -12.42 20.13
C THR B 199 -6.85 -13.53 21.10
N PHE B 200 -6.51 -13.39 22.39
CA PHE B 200 -6.74 -14.39 23.46
C PHE B 200 -7.25 -13.71 24.75
N GLU B 201 -8.14 -14.38 25.49
CA GLU B 201 -8.66 -13.95 26.84
C GLU B 201 -8.96 -15.19 27.71
N LYS B 202 -8.61 -15.14 29.00
CA LYS B 202 -8.75 -16.28 29.96
C LYS B 202 -10.24 -16.64 30.12
N ASP B 207 -7.08 -23.68 32.63
CA ASP B 207 -6.13 -23.42 31.53
C ASP B 207 -6.84 -22.69 30.38
N ALA B 208 -8.08 -23.08 30.07
CA ALA B 208 -8.88 -22.66 28.89
C ALA B 208 -8.71 -21.16 28.59
N VAL B 209 -8.45 -20.82 27.32
CA VAL B 209 -8.30 -19.44 26.78
C VAL B 209 -9.38 -19.21 25.71
N VAL B 210 -9.78 -17.95 25.49
CA VAL B 210 -10.81 -17.53 24.49
C VAL B 210 -10.09 -16.92 23.28
N TYR B 211 -9.96 -17.69 22.18
CA TYR B 211 -9.24 -17.32 20.93
C TYR B 211 -10.20 -16.58 19.98
N ARG B 212 -9.76 -15.43 19.44
CA ARG B 212 -10.57 -14.59 18.51
C ARG B 212 -9.81 -14.44 17.18
N GLY B 213 -10.26 -15.16 16.15
CA GLY B 213 -9.64 -15.16 14.81
C GLY B 213 -10.26 -14.13 13.89
N THR B 214 -9.45 -13.22 13.35
CA THR B 214 -9.84 -12.24 12.29
C THR B 214 -10.21 -13.02 11.01
N THR B 215 -9.68 -14.23 10.85
CA THR B 215 -10.08 -15.23 9.83
C THR B 215 -10.78 -16.40 10.53
N THR B 216 -11.98 -16.77 10.10
CA THR B 216 -12.71 -18.00 10.53
C THR B 216 -12.00 -19.23 9.92
N TYR B 217 -11.26 -20.00 10.74
CA TYR B 217 -10.40 -21.12 10.26
C TYR B 217 -10.41 -22.29 11.23
N LYS B 218 -10.66 -23.50 10.70
CA LYS B 218 -10.57 -24.79 11.43
C LYS B 218 -9.12 -25.00 11.85
N LEU B 219 -8.71 -24.30 12.92
CA LEU B 219 -7.31 -24.22 13.42
C LEU B 219 -6.90 -25.58 14.01
N ASN B 220 -5.75 -26.11 13.54
CA ASN B 220 -5.25 -27.46 13.88
C ASN B 220 -4.44 -27.39 15.19
N VAL B 221 -4.14 -28.54 15.79
CA VAL B 221 -3.12 -28.71 16.86
C VAL B 221 -1.74 -28.65 16.20
N GLY B 222 -0.77 -27.96 16.83
CA GLY B 222 0.57 -27.75 16.29
C GLY B 222 0.70 -26.38 15.65
N ASP B 223 -0.37 -25.87 15.03
CA ASP B 223 -0.45 -24.45 14.60
C ASP B 223 -0.03 -23.60 15.80
N TYR B 224 0.87 -22.63 15.57
CA TYR B 224 1.50 -21.79 16.63
C TYR B 224 1.24 -20.31 16.33
N PHE B 225 1.12 -19.50 17.38
CA PHE B 225 0.85 -18.04 17.32
C PHE B 225 2.10 -17.27 17.77
N VAL B 226 2.44 -16.19 17.06
CA VAL B 226 3.61 -15.30 17.33
C VAL B 226 3.17 -13.84 17.18
N LEU B 227 3.75 -12.93 17.98
CA LEU B 227 3.45 -11.48 17.95
C LEU B 227 4.06 -10.87 16.68
N THR B 228 3.26 -10.10 15.94
CA THR B 228 3.56 -9.59 14.58
C THR B 228 4.59 -8.46 14.65
N SER B 229 5.87 -8.82 14.65
CA SER B 229 7.01 -7.87 14.62
C SER B 229 7.09 -7.21 13.24
N HIS B 230 6.63 -5.96 13.12
CA HIS B 230 6.66 -5.16 11.86
C HIS B 230 7.90 -4.24 11.88
N THR B 231 8.74 -4.34 10.84
CA THR B 231 9.96 -3.52 10.65
C THR B 231 9.57 -2.04 10.71
N VAL B 232 10.41 -1.24 11.38
CA VAL B 232 10.21 0.21 11.67
C VAL B 232 10.81 1.04 10.55
N MET B 233 10.00 1.58 9.65
CA MET B 233 10.50 2.44 8.54
C MET B 233 11.14 3.69 9.15
N PRO B 234 12.12 4.32 8.47
CA PRO B 234 12.68 5.58 8.94
C PRO B 234 11.70 6.73 8.71
N LEU B 235 11.76 7.77 9.55
CA LEU B 235 10.84 8.93 9.54
C LEU B 235 11.55 10.11 8.89
N SER B 236 10.90 10.77 7.93
CA SER B 236 11.43 11.94 7.18
C SER B 236 10.75 13.23 7.67
N ALA B 237 9.42 13.24 7.72
CA ALA B 237 8.60 14.44 7.96
C ALA B 237 8.58 14.75 9.46
N PRO B 238 8.40 16.03 9.85
CA PRO B 238 8.28 16.39 11.26
C PRO B 238 6.94 15.89 11.83
N THR B 239 6.81 15.88 13.16
CA THR B 239 5.55 15.56 13.87
C THR B 239 4.53 16.63 13.48
N LEU B 240 4.96 17.90 13.54
CA LEU B 240 4.20 19.15 13.25
C LEU B 240 4.97 19.97 12.22
N VAL B 241 4.42 20.17 11.02
CA VAL B 241 4.98 21.14 10.02
C VAL B 241 5.04 22.51 10.70
N PRO B 242 6.00 23.38 10.33
CA PRO B 242 6.19 24.64 11.05
C PRO B 242 4.89 25.44 10.90
N GLN B 243 4.49 26.21 11.92
CA GLN B 243 3.18 26.93 11.94
C GLN B 243 3.23 28.03 10.87
N GLU B 244 2.10 28.25 10.19
CA GLU B 244 1.88 29.40 9.26
C GLU B 244 0.51 30.05 9.53
N HIS B 245 0.54 31.27 10.07
CA HIS B 245 -0.65 32.13 10.28
C HIS B 245 -0.83 33.05 9.07
N TYR B 246 -2.07 33.17 8.60
CA TYR B 246 -2.45 34.02 7.45
C TYR B 246 -3.42 35.08 7.97
N VAL B 247 -3.65 36.12 7.16
CA VAL B 247 -4.60 37.25 7.42
C VAL B 247 -5.90 36.96 6.66
N ARG B 248 -5.97 35.81 5.97
CA ARG B 248 -7.03 35.50 4.99
C ARG B 248 -7.11 33.98 4.80
N ILE B 249 -8.34 33.44 4.79
CA ILE B 249 -8.69 32.01 4.55
C ILE B 249 -7.94 31.50 3.31
N THR B 250 -6.70 31.06 3.50
CA THR B 250 -5.79 30.60 2.42
C THR B 250 -6.34 29.28 1.85
N GLY B 251 -6.45 29.17 0.52
CA GLY B 251 -6.58 27.89 -0.21
C GLY B 251 -7.96 27.27 -0.14
N LEU B 252 -8.90 27.86 0.59
CA LEU B 252 -10.26 27.30 0.82
C LEU B 252 -11.30 28.35 0.39
N TYR B 253 -12.53 27.88 0.11
CA TYR B 253 -13.67 28.72 -0.36
C TYR B 253 -14.90 28.45 0.50
N PRO B 254 -15.21 29.35 1.48
CA PRO B 254 -16.35 29.14 2.39
C PRO B 254 -17.71 29.18 1.69
N THR B 255 -18.74 28.57 2.31
CA THR B 255 -20.17 28.77 1.97
C THR B 255 -20.72 30.05 2.65
N LEU B 256 -21.88 30.50 2.18
CA LEU B 256 -22.70 31.58 2.80
C LEU B 256 -24.11 31.02 3.06
N ASN B 257 -24.18 29.69 3.26
CA ASN B 257 -25.43 28.88 3.28
C ASN B 257 -25.31 27.75 4.30
N ILE B 258 -24.45 27.91 5.32
CA ILE B 258 -24.07 26.81 6.30
C ILE B 258 -25.25 26.55 7.24
N SER B 259 -25.82 25.33 7.18
CA SER B 259 -26.99 24.90 7.97
C SER B 259 -26.78 25.33 9.43
N ASP B 260 -27.82 25.88 10.06
CA ASP B 260 -27.77 26.47 11.43
C ASP B 260 -27.18 25.46 12.42
N GLU B 261 -27.30 24.16 12.10
CA GLU B 261 -26.81 23.02 12.93
C GLU B 261 -25.30 23.15 13.21
N PHE B 262 -24.55 23.88 12.37
CA PHE B 262 -23.06 24.06 12.40
C PHE B 262 -22.68 25.56 12.38
N SER B 263 -23.55 26.43 12.90
CA SER B 263 -23.38 27.91 12.93
C SER B 263 -22.46 28.32 14.08
N SER B 264 -22.46 27.56 15.17
CA SER B 264 -21.63 27.83 16.38
C SER B 264 -20.14 27.72 16.03
N ASN B 265 -19.81 26.91 15.01
CA ASN B 265 -18.42 26.46 14.67
C ASN B 265 -17.79 27.30 13.55
N VAL B 266 -18.45 28.36 13.06
CA VAL B 266 -17.99 29.10 11.85
C VAL B 266 -16.67 29.83 12.18
N ALA B 267 -16.59 30.56 13.30
CA ALA B 267 -15.42 31.36 13.72
C ALA B 267 -14.18 30.46 13.89
N ASN B 268 -14.36 29.23 14.41
CA ASN B 268 -13.30 28.18 14.49
C ASN B 268 -12.95 27.70 13.08
N TYR B 269 -13.96 27.47 12.23
CA TYR B 269 -13.81 27.07 10.81
C TYR B 269 -13.05 28.13 10.00
N GLN B 270 -13.07 29.40 10.45
CA GLN B 270 -12.36 30.53 9.80
C GLN B 270 -10.90 30.55 10.28
N LYS B 271 -10.67 30.17 11.55
CA LYS B 271 -9.31 30.01 12.16
C LYS B 271 -8.60 28.85 11.44
N VAL B 272 -9.25 27.69 11.30
CA VAL B 272 -8.73 26.50 10.55
C VAL B 272 -8.11 26.98 9.22
N GLY B 273 -8.79 27.89 8.51
CA GLY B 273 -8.42 28.39 7.17
C GLY B 273 -7.33 29.46 7.21
N MET B 274 -7.18 30.16 8.33
CA MET B 274 -6.20 31.27 8.50
C MET B 274 -4.99 30.79 9.32
N GLN B 275 -4.72 29.47 9.32
CA GLN B 275 -3.54 28.82 9.98
C GLN B 275 -3.10 27.63 9.13
N LYS B 276 -1.89 27.12 9.30
CA LYS B 276 -1.39 25.90 8.62
C LYS B 276 -2.00 24.68 9.34
N TYR B 277 -1.68 24.51 10.63
CA TYR B 277 -2.29 23.49 11.51
C TYR B 277 -3.09 24.21 12.61
N SER B 278 -4.05 23.50 13.18
CA SER B 278 -4.96 23.97 14.26
C SER B 278 -5.24 22.82 15.25
N THR B 279 -5.26 23.16 16.54
CA THR B 279 -5.49 22.26 17.70
C THR B 279 -6.86 22.52 18.31
N LEU B 280 -7.69 21.48 18.39
CA LEU B 280 -9.02 21.49 19.05
C LEU B 280 -9.04 20.49 20.21
N GLN B 281 -9.16 21.01 21.44
CA GLN B 281 -9.53 20.23 22.65
C GLN B 281 -11.05 20.18 22.76
N GLY B 282 -11.61 19.01 22.52
CA GLY B 282 -13.01 18.69 22.83
C GLY B 282 -13.10 17.63 23.90
N PRO B 283 -13.29 18.00 25.19
CA PRO B 283 -13.79 17.07 26.21
C PRO B 283 -14.88 16.16 25.67
N PRO B 284 -15.26 15.10 26.43
CA PRO B 284 -16.24 14.12 25.95
C PRO B 284 -17.60 14.80 25.68
N GLY B 285 -18.19 14.45 24.52
CA GLY B 285 -19.56 14.76 24.10
C GLY B 285 -19.74 16.25 23.85
N THR B 286 -18.66 16.97 23.55
CA THR B 286 -18.65 18.44 23.27
C THR B 286 -18.74 18.68 21.75
N GLY B 287 -18.91 17.63 20.95
CA GLY B 287 -19.10 17.77 19.49
C GLY B 287 -17.82 17.99 18.70
N LYS B 288 -16.81 17.13 18.88
CA LYS B 288 -15.57 17.10 18.03
C LYS B 288 -15.99 16.55 16.67
N SER B 289 -16.57 15.34 16.69
CA SER B 289 -17.11 14.62 15.52
C SER B 289 -17.87 15.63 14.66
N HIS B 290 -18.84 16.32 15.29
CA HIS B 290 -19.74 17.36 14.71
C HIS B 290 -18.92 18.45 14.02
N PHE B 291 -17.82 18.86 14.64
CA PHE B 291 -16.92 19.93 14.14
C PHE B 291 -16.11 19.46 12.91
N ALA B 292 -15.62 18.22 12.96
CA ALA B 292 -14.83 17.61 11.87
C ALA B 292 -15.69 17.54 10.59
N ILE B 293 -16.88 16.92 10.64
CA ILE B 293 -17.82 16.81 9.47
C ILE B 293 -18.35 18.21 9.14
N GLY B 294 -18.47 19.08 10.14
CA GLY B 294 -19.00 20.43 9.94
C GLY B 294 -18.01 21.31 9.21
N LEU B 295 -16.80 20.80 9.00
CA LEU B 295 -15.70 21.55 8.34
C LEU B 295 -15.88 21.38 6.84
N ALA B 296 -16.38 20.20 6.44
CA ALA B 296 -16.64 19.79 5.03
C ALA B 296 -17.81 20.61 4.47
N LEU B 297 -18.81 20.92 5.31
CA LEU B 297 -20.04 21.67 4.92
C LEU B 297 -19.72 23.16 4.78
N TYR B 298 -18.76 23.70 5.55
CA TYR B 298 -18.34 25.12 5.48
C TYR B 298 -17.31 25.30 4.36
N TYR B 299 -16.51 24.27 4.09
CA TYR B 299 -15.60 24.21 2.91
C TYR B 299 -16.04 23.02 2.05
N PRO B 300 -17.17 23.16 1.30
CA PRO B 300 -17.81 22.02 0.61
C PRO B 300 -17.14 21.61 -0.72
N SER B 301 -16.24 22.45 -1.22
CA SER B 301 -15.42 22.24 -2.45
C SER B 301 -14.17 21.42 -2.08
N ALA B 302 -13.54 21.79 -0.96
CA ALA B 302 -12.28 21.24 -0.41
C ALA B 302 -12.34 19.71 -0.28
N ARG B 303 -11.20 19.05 -0.56
CA ARG B 303 -10.95 17.61 -0.35
C ARG B 303 -10.41 17.43 1.07
N ILE B 304 -11.05 16.55 1.84
CA ILE B 304 -10.73 16.35 3.29
C ILE B 304 -10.40 14.86 3.50
N VAL B 305 -9.24 14.62 4.10
CA VAL B 305 -8.80 13.27 4.55
C VAL B 305 -9.05 13.20 6.07
N TYR B 306 -9.85 12.23 6.47
CA TYR B 306 -10.26 11.96 7.88
C TYR B 306 -9.40 10.79 8.37
N THR B 307 -8.53 11.04 9.36
CA THR B 307 -7.56 10.03 9.87
C THR B 307 -7.58 9.99 11.41
N ALA B 308 -7.34 8.79 11.96
CA ALA B 308 -7.09 8.46 13.39
C ALA B 308 -6.32 7.13 13.47
N CYS B 309 -5.56 6.90 14.53
CA CYS B 309 -4.71 5.68 14.68
C CYS B 309 -5.56 4.40 14.68
N SER B 310 -6.76 4.42 15.29
CA SER B 310 -7.64 3.22 15.40
C SER B 310 -8.70 3.21 14.30
N HIS B 311 -9.22 2.02 13.98
CA HIS B 311 -10.30 1.79 13.00
C HIS B 311 -11.62 2.33 13.58
N ALA B 312 -11.84 2.11 14.88
CA ALA B 312 -13.02 2.59 15.64
C ALA B 312 -13.15 4.11 15.53
N ALA B 313 -12.05 4.87 15.63
CA ALA B 313 -12.09 6.34 15.58
C ALA B 313 -12.45 6.79 14.16
N VAL B 314 -11.95 6.09 13.12
CA VAL B 314 -12.19 6.42 11.69
C VAL B 314 -13.64 6.07 11.34
N ASP B 315 -14.15 4.96 11.88
CA ASP B 315 -15.55 4.46 11.75
C ASP B 315 -16.54 5.39 12.47
N ALA B 316 -16.08 6.17 13.44
CA ALA B 316 -16.89 7.18 14.14
C ALA B 316 -17.10 8.39 13.22
N LEU B 317 -16.02 8.89 12.59
CA LEU B 317 -16.08 10.04 11.66
C LEU B 317 -16.90 9.67 10.41
N CYS B 318 -16.88 8.38 10.03
CA CYS B 318 -17.60 7.84 8.84
C CYS B 318 -19.11 7.88 9.11
N GLU B 319 -19.55 7.36 10.27
CA GLU B 319 -20.97 7.42 10.72
C GLU B 319 -21.42 8.89 10.72
N LYS B 320 -20.66 9.77 11.36
CA LYS B 320 -20.96 11.23 11.41
C LYS B 320 -20.88 11.86 10.02
N ALA B 321 -20.19 11.23 9.05
CA ALA B 321 -20.17 11.69 7.65
C ALA B 321 -21.41 11.13 6.91
N LEU B 322 -21.74 9.87 7.15
CA LEU B 322 -22.87 9.21 6.45
C LEU B 322 -24.14 10.06 6.59
N LYS B 323 -24.25 10.85 7.67
CA LYS B 323 -25.45 11.66 7.98
C LYS B 323 -25.46 12.98 7.20
N TYR B 324 -24.31 13.62 6.97
CA TYR B 324 -24.24 15.04 6.53
C TYR B 324 -23.50 15.25 5.21
N LEU B 325 -22.78 14.26 4.70
CA LEU B 325 -21.96 14.41 3.46
C LEU B 325 -22.47 13.42 2.41
N PRO B 326 -22.49 13.82 1.12
CA PRO B 326 -22.97 12.93 0.05
C PRO B 326 -22.13 11.64 -0.07
N ILE B 327 -22.81 10.50 0.04
CA ILE B 327 -22.23 9.11 0.11
C ILE B 327 -21.41 8.78 -1.15
N ASP B 328 -21.62 9.49 -2.27
CA ASP B 328 -20.87 9.30 -3.54
C ASP B 328 -19.42 9.76 -3.34
N LYS B 329 -19.20 10.93 -2.71
CA LYS B 329 -17.88 11.60 -2.61
C LYS B 329 -17.11 11.16 -1.36
N CYS B 330 -17.46 9.99 -0.79
CA CYS B 330 -16.85 9.40 0.43
C CYS B 330 -16.19 8.04 0.11
N SER B 331 -14.99 7.81 0.64
CA SER B 331 -14.29 6.51 0.51
C SER B 331 -13.59 6.11 1.82
N ARG B 332 -13.89 4.90 2.29
CA ARG B 332 -13.28 4.25 3.48
C ARG B 332 -12.09 3.39 3.01
N ILE B 333 -10.86 3.82 3.31
CA ILE B 333 -9.58 3.22 2.81
C ILE B 333 -9.16 2.09 3.74
N ILE B 334 -9.30 0.83 3.30
CA ILE B 334 -9.07 -0.38 4.14
C ILE B 334 -7.80 -1.08 3.65
N PRO B 335 -6.79 -1.32 4.52
CA PRO B 335 -5.55 -1.99 4.11
C PRO B 335 -5.82 -3.39 3.54
N ALA B 336 -5.18 -3.70 2.40
CA ALA B 336 -5.36 -4.93 1.59
C ALA B 336 -5.27 -6.17 2.49
N ARG B 337 -4.57 -6.06 3.63
CA ARG B 337 -4.57 -7.04 4.75
C ARG B 337 -5.53 -6.53 5.84
N ALA B 338 -6.84 -6.59 5.55
CA ALA B 338 -7.94 -6.13 6.42
C ALA B 338 -7.96 -6.94 7.73
N ARG B 339 -7.91 -6.25 8.87
CA ARG B 339 -7.67 -6.82 10.23
C ARG B 339 -8.98 -6.95 11.02
N VAL B 340 -9.89 -5.98 10.87
CA VAL B 340 -11.21 -5.91 11.58
C VAL B 340 -12.30 -5.68 10.54
N GLU B 341 -13.56 -5.64 10.96
CA GLU B 341 -14.70 -5.14 10.14
C GLU B 341 -14.70 -3.62 10.22
N CYS B 342 -15.00 -2.93 9.12
CA CYS B 342 -14.98 -1.46 8.98
C CYS B 342 -16.29 -0.95 8.37
N PHE B 343 -16.53 0.34 8.51
CA PHE B 343 -17.61 1.07 7.81
C PHE B 343 -17.74 0.52 6.38
N ASP B 344 -18.89 -0.09 6.05
CA ASP B 344 -19.18 -0.75 4.73
C ASP B 344 -20.00 0.18 3.82
N LYS B 345 -20.59 1.26 4.35
CA LYS B 345 -21.60 2.08 3.63
C LYS B 345 -20.94 2.95 2.54
N PHE B 346 -19.62 3.13 2.54
CA PHE B 346 -18.90 3.92 1.49
C PHE B 346 -18.25 2.99 0.47
N LYS B 347 -17.93 3.55 -0.72
CA LYS B 347 -17.04 2.92 -1.72
C LYS B 347 -15.67 2.70 -1.04
N VAL B 348 -15.11 1.50 -1.18
CA VAL B 348 -13.86 1.04 -0.49
C VAL B 348 -12.63 1.23 -1.39
N ASN B 349 -11.65 2.03 -0.93
CA ASN B 349 -10.27 2.15 -1.50
C ASN B 349 -10.27 3.13 -2.68
N SER B 350 -11.32 3.94 -2.83
CA SER B 350 -11.41 4.99 -3.87
C SER B 350 -10.68 6.26 -3.38
N THR B 351 -9.40 6.13 -3.06
CA THR B 351 -8.42 7.18 -2.73
C THR B 351 -8.79 8.60 -3.23
N LEU B 352 -9.41 8.75 -4.41
CA LEU B 352 -9.50 10.07 -5.07
C LEU B 352 -10.90 10.69 -4.92
N GLU B 353 -11.75 10.10 -4.07
CA GLU B 353 -13.02 10.73 -3.63
C GLU B 353 -12.67 11.98 -2.79
N GLN B 354 -13.54 13.00 -2.77
CA GLN B 354 -13.33 14.26 -1.99
C GLN B 354 -13.14 13.93 -0.50
N TYR B 355 -13.87 12.92 0.00
CA TYR B 355 -13.90 12.51 1.42
C TYR B 355 -13.29 11.10 1.51
N VAL B 356 -12.21 11.00 2.30
CA VAL B 356 -11.33 9.82 2.45
C VAL B 356 -11.14 9.56 3.95
N PHE B 357 -11.56 8.38 4.42
CA PHE B 357 -11.56 8.00 5.85
C PHE B 357 -10.61 6.82 6.04
N CYS B 358 -9.44 7.10 6.62
CA CYS B 358 -8.31 6.14 6.72
C CYS B 358 -7.56 6.23 8.06
N THR B 359 -7.30 5.06 8.65
CA THR B 359 -6.31 4.85 9.74
C THR B 359 -4.93 5.34 9.26
N VAL B 360 -4.09 5.83 10.18
CA VAL B 360 -2.76 6.44 9.90
C VAL B 360 -1.84 5.43 9.20
N ASN B 361 -1.90 4.15 9.57
CA ASN B 361 -0.90 3.13 9.14
C ASN B 361 -1.36 2.50 7.83
N ALA B 362 -2.43 3.01 7.20
CA ALA B 362 -2.92 2.61 5.86
C ALA B 362 -2.99 3.81 4.89
N LEU B 363 -2.62 5.03 5.35
CA LEU B 363 -2.77 6.28 4.58
C LEU B 363 -2.01 6.16 3.27
N PRO B 364 -2.60 6.51 2.11
CA PRO B 364 -1.84 6.61 0.87
C PRO B 364 -1.01 7.89 0.90
N GLU B 365 -0.04 7.97 -0.03
CA GLU B 365 0.63 9.23 -0.42
C GLU B 365 -0.34 10.01 -1.31
N THR B 366 -0.87 11.11 -0.81
CA THR B 366 -1.83 11.99 -1.56
C THR B 366 -1.74 13.42 -1.04
N THR B 367 -2.57 14.29 -1.59
CA THR B 367 -2.68 15.70 -1.17
C THR B 367 -4.12 15.93 -0.73
N ALA B 368 -4.34 17.05 -0.03
CA ALA B 368 -5.66 17.46 0.48
C ALA B 368 -5.64 18.95 0.85
N ASP B 369 -6.81 19.58 0.78
CA ASP B 369 -7.04 20.98 1.23
C ASP B 369 -6.99 20.95 2.77
N ILE B 370 -7.72 20.00 3.36
CA ILE B 370 -7.78 19.81 4.83
C ILE B 370 -7.49 18.34 5.17
N VAL B 371 -6.64 18.15 6.18
CA VAL B 371 -6.47 16.87 6.95
C VAL B 371 -7.06 17.08 8.35
N VAL B 372 -7.95 16.18 8.75
CA VAL B 372 -8.42 16.07 10.16
C VAL B 372 -7.81 14.78 10.75
N PHE B 373 -6.97 14.98 11.77
CA PHE B 373 -6.39 13.92 12.62
C PHE B 373 -7.16 13.93 13.95
N ASP B 374 -8.00 12.90 14.16
CA ASP B 374 -8.94 12.79 15.30
C ASP B 374 -8.32 11.90 16.39
N GLU B 375 -8.76 12.03 17.64
CA GLU B 375 -8.34 11.18 18.79
C GLU B 375 -6.83 11.41 19.03
N ILE B 376 -6.42 12.67 19.03
CA ILE B 376 -4.99 13.06 18.98
C ILE B 376 -4.30 12.62 20.27
N SER B 377 -5.05 12.24 21.29
CA SER B 377 -4.44 11.81 22.58
C SER B 377 -3.75 10.46 22.35
N MET B 378 -4.37 9.58 21.54
CA MET B 378 -3.91 8.21 21.19
C MET B 378 -2.81 8.22 20.11
N ALA B 379 -2.32 9.37 19.69
CA ALA B 379 -1.33 9.49 18.60
C ALA B 379 0.07 9.52 19.23
N THR B 380 1.00 8.73 18.67
CA THR B 380 2.46 8.79 18.99
C THR B 380 3.10 9.83 18.08
N ASN B 381 4.30 10.30 18.42
CA ASN B 381 5.08 11.20 17.53
C ASN B 381 5.42 10.48 16.20
N TYR B 382 5.72 9.17 16.24
CA TYR B 382 5.78 8.35 15.01
C TYR B 382 4.56 8.66 14.14
N ASP B 383 3.35 8.52 14.70
CA ASP B 383 2.04 8.69 14.01
C ASP B 383 1.95 10.10 13.39
N LEU B 384 2.36 11.15 14.13
CA LEU B 384 2.33 12.56 13.68
C LEU B 384 3.29 12.78 12.50
N SER B 385 4.46 12.12 12.54
CA SER B 385 5.46 12.13 11.45
C SER B 385 4.88 11.43 10.21
N VAL B 386 4.37 10.20 10.35
CA VAL B 386 3.87 9.40 9.20
C VAL B 386 2.87 10.26 8.43
N VAL B 387 1.87 10.78 9.13
CA VAL B 387 0.78 11.64 8.56
C VAL B 387 1.44 12.68 7.66
N ASN B 388 2.38 13.47 8.19
CA ASN B 388 3.02 14.60 7.44
C ASN B 388 3.77 14.08 6.19
N ALA B 389 4.27 12.83 6.24
CA ALA B 389 5.12 12.20 5.20
C ALA B 389 4.25 11.65 4.07
N ARG B 390 2.98 11.37 4.33
CA ARG B 390 2.04 10.78 3.34
C ARG B 390 1.02 11.83 2.82
N LEU B 391 0.70 12.86 3.62
CA LEU B 391 -0.34 13.86 3.30
C LEU B 391 0.26 15.28 3.23
N ARG B 392 0.49 15.76 2.01
CA ARG B 392 0.74 17.20 1.69
C ARG B 392 -0.62 17.89 1.59
N ALA B 393 -0.87 18.83 2.50
CA ALA B 393 -2.19 19.46 2.72
C ALA B 393 -2.06 20.97 2.99
N LYS B 394 -3.10 21.72 2.66
CA LYS B 394 -3.18 23.19 2.87
C LYS B 394 -3.31 23.46 4.37
N HIS B 395 -4.22 22.73 5.03
CA HIS B 395 -4.58 22.86 6.47
C HIS B 395 -4.69 21.50 7.17
N TYR B 396 -3.97 21.36 8.28
CA TYR B 396 -3.94 20.19 9.19
C TYR B 396 -4.81 20.54 10.41
N VAL B 397 -5.78 19.69 10.75
CA VAL B 397 -6.61 19.87 11.98
C VAL B 397 -6.38 18.68 12.93
N TYR B 398 -5.96 19.00 14.15
CA TYR B 398 -5.64 18.04 15.24
C TYR B 398 -6.73 18.14 16.30
N ILE B 399 -7.53 17.08 16.36
CA ILE B 399 -8.72 16.96 17.25
C ILE B 399 -8.52 15.84 18.28
N GLY B 400 -8.62 16.21 19.56
CA GLY B 400 -8.90 15.27 20.66
C GLY B 400 -8.80 16.01 21.98
N ASP B 401 -8.26 15.35 23.01
CA ASP B 401 -8.34 15.87 24.40
C ASP B 401 -7.21 15.26 25.18
N PRO B 402 -6.27 16.05 25.70
CA PRO B 402 -5.18 15.52 26.52
C PRO B 402 -5.66 15.01 27.89
N ALA B 403 -6.92 15.24 28.28
CA ALA B 403 -7.53 14.69 29.52
C ALA B 403 -8.08 13.27 29.25
N GLN B 404 -7.95 12.76 28.04
CA GLN B 404 -8.29 11.36 27.74
C GLN B 404 -7.02 10.50 27.60
N LEU B 405 -7.20 9.28 27.12
CA LEU B 405 -6.19 8.20 27.22
C LEU B 405 -5.21 8.30 26.07
N PRO B 406 -3.89 8.12 26.37
CA PRO B 406 -2.84 8.05 25.36
C PRO B 406 -2.64 6.61 24.87
N ALA B 407 -1.92 6.41 23.77
CA ALA B 407 -1.46 5.09 23.28
C ALA B 407 -0.72 4.35 24.40
N PRO B 408 -0.93 3.03 24.57
CA PRO B 408 -0.15 2.27 25.53
C PRO B 408 1.33 2.29 25.08
N ARG B 409 2.24 2.69 25.98
CA ARG B 409 3.72 2.48 25.88
C ARG B 409 4.06 1.12 26.53
N THR B 410 4.09 0.04 25.77
CA THR B 410 4.26 -1.32 26.34
C THR B 410 5.63 -1.47 27.02
N LEU B 411 6.60 -0.57 26.81
CA LEU B 411 7.92 -0.70 27.47
C LEU B 411 7.95 0.10 28.78
N LEU B 412 7.17 1.17 28.88
CA LEU B 412 7.15 2.07 30.06
C LEU B 412 6.54 1.33 31.25
N THR B 413 7.34 1.07 32.29
CA THR B 413 6.94 0.39 33.55
C THR B 413 7.22 1.28 34.76
N LYS B 414 7.98 2.36 34.58
CA LYS B 414 8.44 3.21 35.70
C LYS B 414 8.03 4.68 35.46
N GLY B 415 7.37 5.31 36.43
CA GLY B 415 6.91 6.70 36.34
C GLY B 415 5.62 6.77 35.54
N THR B 416 4.91 7.90 35.64
CA THR B 416 3.63 8.12 34.91
C THR B 416 3.87 9.21 33.85
N LEU B 417 3.39 8.94 32.64
CA LEU B 417 3.48 9.83 31.46
C LEU B 417 2.32 10.83 31.49
N GLU B 418 2.60 12.08 31.90
CA GLU B 418 1.61 13.19 31.94
C GLU B 418 1.14 13.55 30.53
N PRO B 419 -0.07 14.16 30.37
CA PRO B 419 -0.63 14.48 29.05
C PRO B 419 0.23 15.37 28.14
N GLU B 420 0.99 16.29 28.73
CA GLU B 420 1.90 17.20 28.00
C GLU B 420 3.09 16.45 27.34
N TYR B 421 3.18 15.13 27.51
CA TYR B 421 4.27 14.29 26.95
C TYR B 421 3.70 13.20 26.04
N PHE B 422 2.39 13.24 25.76
CA PHE B 422 1.69 12.20 24.96
C PHE B 422 2.22 12.22 23.53
N ASN B 423 2.40 13.42 22.99
CA ASN B 423 2.87 13.76 21.62
C ASN B 423 2.97 15.28 21.53
N SER B 424 3.42 15.82 20.40
CA SER B 424 3.69 17.28 20.24
C SER B 424 2.37 18.08 20.30
N VAL B 425 1.29 17.56 19.71
CA VAL B 425 -0.04 18.24 19.70
C VAL B 425 -0.51 18.41 21.15
N CYS B 426 -0.48 17.34 21.96
CA CYS B 426 -0.88 17.40 23.39
C CYS B 426 0.08 18.31 24.13
N ARG B 427 1.38 18.22 23.86
CA ARG B 427 2.35 19.12 24.51
C ARG B 427 1.87 20.58 24.31
N LEU B 428 1.69 20.98 23.06
CA LEU B 428 1.26 22.37 22.72
C LEU B 428 -0.03 22.66 23.48
N MET B 429 -1.02 21.75 23.40
CA MET B 429 -2.35 21.91 24.06
C MET B 429 -2.15 22.18 25.56
N LYS B 430 -1.22 21.48 26.22
CA LYS B 430 -1.11 21.54 27.70
C LYS B 430 -0.26 22.74 28.13
N THR B 431 0.50 23.34 27.22
CA THR B 431 1.49 24.41 27.52
C THR B 431 0.92 25.78 27.13
N ILE B 432 0.74 26.01 25.81
CA ILE B 432 0.32 27.34 25.24
C ILE B 432 -1.20 27.35 25.04
N GLY B 433 -1.89 26.27 25.41
CA GLY B 433 -3.34 26.16 25.23
C GLY B 433 -3.67 25.64 23.84
N PRO B 434 -4.84 24.99 23.67
CA PRO B 434 -5.27 24.55 22.34
C PRO B 434 -5.76 25.81 21.59
N ASP B 435 -5.91 25.74 20.27
CA ASP B 435 -6.36 26.91 19.47
C ASP B 435 -7.83 27.18 19.81
N MET B 436 -8.64 26.12 19.83
CA MET B 436 -10.12 26.14 19.92
C MET B 436 -10.55 25.07 20.93
N PHE B 437 -11.40 25.45 21.91
CA PHE B 437 -11.90 24.57 23.01
C PHE B 437 -13.42 24.44 22.90
N LEU B 438 -13.93 23.21 22.75
CA LEU B 438 -15.38 22.90 22.89
C LEU B 438 -15.76 22.76 24.37
N GLY B 439 -16.46 23.76 24.92
CA GLY B 439 -16.54 24.03 26.37
C GLY B 439 -17.84 23.57 27.04
N THR B 440 -18.79 22.95 26.31
CA THR B 440 -20.08 22.48 26.91
C THR B 440 -20.29 21.02 26.53
N CYS B 441 -20.41 20.14 27.53
CA CYS B 441 -20.69 18.69 27.33
C CYS B 441 -22.20 18.49 27.15
N ARG B 442 -22.63 17.99 26.00
CA ARG B 442 -24.05 17.72 25.68
C ARG B 442 -24.40 16.26 25.98
N ARG B 443 -23.45 15.48 26.49
CA ARG B 443 -23.65 14.02 26.64
C ARG B 443 -24.09 13.71 28.06
N CYS B 444 -23.47 14.32 29.07
CA CYS B 444 -23.42 13.71 30.43
C CYS B 444 -24.29 14.49 31.40
N PRO B 445 -24.93 13.76 32.35
CA PRO B 445 -25.61 14.39 33.48
C PRO B 445 -24.65 15.32 34.23
N ALA B 446 -25.16 16.46 34.68
CA ALA B 446 -24.36 17.54 35.30
C ALA B 446 -23.38 16.99 36.36
N GLU B 447 -23.78 15.96 37.11
CA GLU B 447 -23.00 15.33 38.20
C GLU B 447 -21.65 14.86 37.63
N ILE B 448 -21.70 14.11 36.54
CA ILE B 448 -20.47 13.71 35.80
C ILE B 448 -19.72 14.94 35.27
N VAL B 449 -20.41 15.82 34.53
CA VAL B 449 -19.73 17.01 33.91
C VAL B 449 -19.05 17.83 35.03
N ASP B 450 -19.75 18.07 36.13
CA ASP B 450 -19.25 18.87 37.27
C ASP B 450 -18.07 18.13 37.89
N THR B 451 -18.02 16.80 37.86
CA THR B 451 -16.87 16.03 38.43
C THR B 451 -15.63 16.23 37.57
N VAL B 452 -15.70 15.85 36.30
CA VAL B 452 -14.52 15.90 35.40
C VAL B 452 -14.12 17.36 35.19
N SER B 453 -15.08 18.28 35.11
CA SER B 453 -14.82 19.73 34.92
C SER B 453 -13.79 20.18 35.96
N ALA B 454 -14.00 19.78 37.22
CA ALA B 454 -13.12 20.13 38.36
C ALA B 454 -11.82 19.27 38.34
N LEU B 455 -11.88 18.01 37.90
CA LEU B 455 -10.76 17.03 37.98
C LEU B 455 -9.67 17.39 36.97
N VAL B 456 -10.05 17.56 35.70
CA VAL B 456 -9.10 17.56 34.54
C VAL B 456 -9.23 18.80 33.65
N TYR B 457 -10.27 19.63 33.77
CA TYR B 457 -10.55 20.74 32.81
C TYR B 457 -10.59 22.10 33.51
N ASP B 458 -9.88 22.27 34.64
CA ASP B 458 -9.84 23.51 35.46
C ASP B 458 -11.23 24.18 35.45
N ASN B 459 -12.28 23.43 35.71
CA ASN B 459 -13.68 23.94 35.87
C ASN B 459 -14.15 24.68 34.62
N LYS B 460 -13.45 24.54 33.49
CA LYS B 460 -13.80 25.24 32.21
C LYS B 460 -14.85 24.45 31.41
N LEU B 461 -15.25 23.24 31.83
CA LEU B 461 -16.24 22.41 31.08
C LEU B 461 -17.62 22.60 31.72
N LYS B 462 -18.60 23.00 30.90
CA LYS B 462 -19.96 23.36 31.33
C LYS B 462 -20.89 22.24 30.91
N ALA B 463 -21.95 22.07 31.69
CA ALA B 463 -22.97 21.00 31.61
C ALA B 463 -24.20 21.55 30.90
N HIS B 464 -24.51 21.01 29.74
CA HIS B 464 -25.76 21.35 29.04
C HIS B 464 -26.94 20.67 29.76
N LYS B 465 -26.85 19.37 30.04
CA LYS B 465 -27.91 18.60 30.72
C LYS B 465 -28.01 19.00 32.18
N ASP B 466 -29.17 18.69 32.76
CA ASP B 466 -29.43 18.77 34.21
C ASP B 466 -28.75 17.55 34.86
N LYS B 467 -28.45 17.65 36.16
CA LYS B 467 -28.25 16.47 37.05
C LYS B 467 -29.34 15.43 36.70
N SER B 468 -28.96 14.20 36.37
CA SER B 468 -29.92 13.11 36.07
C SER B 468 -30.55 12.58 37.36
N ALA B 469 -29.91 12.79 38.52
CA ALA B 469 -30.22 12.05 39.77
C ALA B 469 -30.25 10.53 39.51
N GLN B 470 -29.40 10.07 38.58
CA GLN B 470 -29.18 8.64 38.24
C GLN B 470 -27.67 8.33 38.23
N CYS B 471 -26.91 8.99 39.10
CA CYS B 471 -25.43 8.90 39.16
C CYS B 471 -25.10 8.56 40.60
N PHE B 472 -24.72 7.31 40.83
CA PHE B 472 -24.46 6.75 42.18
C PHE B 472 -22.99 6.33 42.29
N LYS B 473 -22.44 6.57 43.46
CA LYS B 473 -21.09 6.16 43.87
C LYS B 473 -21.27 5.23 45.08
N MET B 474 -20.37 4.27 45.26
CA MET B 474 -20.40 3.36 46.43
C MET B 474 -18.95 2.99 46.73
N PHE B 475 -18.48 3.27 47.94
CA PHE B 475 -17.10 2.99 48.40
C PHE B 475 -17.09 1.58 48.99
N TYR B 476 -16.44 0.64 48.30
CA TYR B 476 -16.43 -0.80 48.66
C TYR B 476 -15.16 -1.49 48.13
N LYS B 477 -14.08 -1.46 48.90
CA LYS B 477 -12.75 -1.99 48.48
C LYS B 477 -12.87 -3.47 48.07
N GLY B 478 -13.70 -4.25 48.76
CA GLY B 478 -14.00 -5.65 48.39
C GLY B 478 -12.78 -6.53 48.55
N VAL B 479 -12.51 -7.39 47.58
CA VAL B 479 -11.34 -8.31 47.66
C VAL B 479 -10.72 -8.43 46.26
N ILE B 480 -9.41 -8.15 46.15
CA ILE B 480 -8.71 -8.07 44.84
C ILE B 480 -8.01 -9.41 44.65
N THR B 481 -8.38 -10.15 43.62
CA THR B 481 -7.68 -11.38 43.18
C THR B 481 -7.00 -10.98 41.88
N HIS B 482 -6.04 -11.76 41.39
CA HIS B 482 -5.37 -11.48 40.11
C HIS B 482 -5.38 -12.73 39.25
N ASP B 483 -5.63 -12.57 37.94
CA ASP B 483 -5.31 -13.54 36.88
C ASP B 483 -3.99 -13.09 36.25
N VAL B 484 -2.89 -13.54 36.85
CA VAL B 484 -1.49 -13.14 36.53
C VAL B 484 -1.25 -11.75 37.12
N SER B 485 -1.35 -10.69 36.31
CA SER B 485 -1.28 -9.27 36.73
C SER B 485 -2.66 -8.59 36.65
N SER B 486 -3.53 -9.01 35.71
CA SER B 486 -4.88 -8.42 35.50
C SER B 486 -5.74 -8.65 36.75
N ALA B 487 -6.47 -7.63 37.21
CA ALA B 487 -7.13 -7.60 38.54
C ALA B 487 -8.60 -8.04 38.43
N ILE B 488 -9.09 -8.68 39.48
CA ILE B 488 -10.48 -9.14 39.65
C ILE B 488 -10.96 -8.71 41.05
N ASN B 489 -12.24 -8.34 41.15
CA ASN B 489 -12.93 -8.00 42.42
C ASN B 489 -14.34 -8.63 42.40
N ARG B 490 -14.49 -9.84 42.94
CA ARG B 490 -15.80 -10.55 42.93
C ARG B 490 -16.75 -9.83 43.88
N PRO B 491 -16.35 -9.48 45.13
CA PRO B 491 -17.24 -8.68 45.97
C PRO B 491 -17.83 -7.46 45.21
N GLN B 492 -17.01 -6.66 44.51
CA GLN B 492 -17.50 -5.44 43.79
C GLN B 492 -18.52 -5.88 42.74
N ILE B 493 -18.29 -6.98 42.02
CA ILE B 493 -19.30 -7.54 41.07
C ILE B 493 -20.54 -8.01 41.86
N GLY B 494 -20.34 -8.43 43.12
CA GLY B 494 -21.42 -8.96 43.97
C GLY B 494 -22.37 -7.85 44.36
N VAL B 495 -21.81 -6.73 44.81
CA VAL B 495 -22.56 -5.45 45.06
C VAL B 495 -23.34 -5.03 43.80
N VAL B 496 -22.74 -5.14 42.63
CA VAL B 496 -23.38 -4.78 41.33
C VAL B 496 -24.59 -5.70 41.11
N ARG B 497 -24.46 -7.00 41.38
CA ARG B 497 -25.58 -7.98 41.23
C ARG B 497 -26.73 -7.56 42.16
N GLU B 498 -26.44 -7.28 43.43
CA GLU B 498 -27.45 -6.83 44.42
C GLU B 498 -28.20 -5.61 43.86
N PHE B 499 -27.48 -4.62 43.33
CA PHE B 499 -28.00 -3.33 42.81
C PHE B 499 -28.91 -3.57 41.59
N LEU B 500 -28.58 -4.53 40.72
CA LEU B 500 -29.38 -4.79 39.50
C LEU B 500 -30.79 -5.31 39.86
N THR B 501 -30.93 -6.15 40.90
CA THR B 501 -32.26 -6.71 41.29
C THR B 501 -33.18 -5.56 41.69
N ARG B 502 -32.65 -4.49 42.31
CA ARG B 502 -33.46 -3.36 42.88
C ARG B 502 -33.56 -2.21 41.89
N ASN B 503 -32.86 -2.29 40.77
CA ASN B 503 -32.71 -1.14 39.83
C ASN B 503 -32.84 -1.68 38.40
N PRO B 504 -34.00 -2.28 38.03
CA PRO B 504 -34.10 -3.08 36.81
C PRO B 504 -33.90 -2.28 35.52
N ALA B 505 -33.95 -0.95 35.60
CA ALA B 505 -33.63 0.01 34.49
C ALA B 505 -32.18 -0.16 34.02
N TRP B 506 -31.27 -0.57 34.89
CA TRP B 506 -29.81 -0.66 34.62
C TRP B 506 -29.48 -2.00 33.95
N ARG B 507 -30.47 -2.87 33.77
CA ARG B 507 -30.28 -4.21 33.16
C ARG B 507 -29.70 -4.07 31.75
N LYS B 508 -29.87 -2.91 31.13
CA LYS B 508 -29.34 -2.61 29.78
C LYS B 508 -27.99 -1.89 29.88
N ALA B 509 -27.41 -1.75 31.08
CA ALA B 509 -26.16 -0.99 31.32
C ALA B 509 -24.97 -1.71 30.67
N VAL B 510 -23.97 -0.95 30.23
CA VAL B 510 -22.62 -1.48 29.89
C VAL B 510 -21.82 -1.53 31.18
N PHE B 511 -21.14 -2.66 31.46
CA PHE B 511 -20.20 -2.84 32.59
C PHE B 511 -18.80 -2.36 32.15
N ILE B 512 -18.13 -1.55 32.97
CA ILE B 512 -16.82 -0.96 32.60
C ILE B 512 -15.89 -1.05 33.81
N SER B 513 -14.63 -1.42 33.56
CA SER B 513 -13.54 -1.58 34.55
C SER B 513 -12.22 -1.28 33.89
N PRO B 514 -11.17 -1.01 34.69
CA PRO B 514 -9.83 -0.88 34.12
C PRO B 514 -9.13 -2.22 33.78
N TYR B 515 -9.80 -3.38 33.91
CA TYR B 515 -9.16 -4.72 33.77
C TYR B 515 -10.07 -5.72 33.03
N ASN B 516 -9.50 -6.38 32.02
CA ASN B 516 -10.18 -7.44 31.21
C ASN B 516 -10.64 -8.60 32.11
N SER B 517 -9.80 -9.05 33.03
CA SER B 517 -10.14 -10.23 33.87
C SER B 517 -11.46 -9.94 34.61
N GLN B 518 -11.55 -8.77 35.26
CA GLN B 518 -12.76 -8.25 35.96
C GLN B 518 -13.96 -8.30 35.00
N ASN B 519 -13.78 -7.76 33.80
CA ASN B 519 -14.82 -7.72 32.75
C ASN B 519 -15.24 -9.16 32.45
N ALA B 520 -14.27 -10.06 32.22
CA ALA B 520 -14.48 -11.51 31.97
C ALA B 520 -15.41 -12.10 33.03
N VAL B 521 -15.16 -11.83 34.32
CA VAL B 521 -15.96 -12.37 35.47
C VAL B 521 -17.33 -11.69 35.49
N ALA B 522 -17.36 -10.35 35.32
CA ALA B 522 -18.59 -9.49 35.35
C ALA B 522 -19.50 -9.89 34.20
N SER B 523 -18.93 -10.33 33.08
CA SER B 523 -19.70 -10.84 31.90
C SER B 523 -20.51 -12.07 32.32
N LYS B 524 -19.85 -13.09 32.91
CA LYS B 524 -20.45 -14.39 33.30
C LYS B 524 -21.47 -14.22 34.44
N ILE B 525 -21.18 -13.40 35.46
CA ILE B 525 -22.07 -13.24 36.66
C ILE B 525 -23.27 -12.33 36.34
N LEU B 526 -23.06 -11.18 35.69
CA LEU B 526 -24.07 -10.10 35.48
C LEU B 526 -24.80 -10.28 34.12
N GLY B 527 -24.08 -10.74 33.11
CA GLY B 527 -24.60 -10.94 31.75
C GLY B 527 -24.65 -9.65 30.94
N LEU B 528 -24.12 -8.55 31.50
CA LEU B 528 -24.12 -7.22 30.83
C LEU B 528 -23.08 -7.26 29.72
N PRO B 529 -23.22 -6.47 28.64
CA PRO B 529 -22.12 -6.27 27.72
C PRO B 529 -20.96 -5.69 28.56
N THR B 530 -19.73 -5.71 28.04
CA THR B 530 -18.52 -5.47 28.86
C THR B 530 -17.50 -4.65 28.06
N GLN B 531 -16.85 -3.70 28.70
CA GLN B 531 -15.95 -2.75 27.99
C GLN B 531 -14.87 -2.33 28.97
N THR B 532 -13.59 -2.31 28.54
CA THR B 532 -12.47 -1.73 29.33
C THR B 532 -12.51 -0.21 29.13
N VAL B 533 -12.10 0.56 30.15
CA VAL B 533 -12.13 2.04 30.04
C VAL B 533 -11.49 2.45 28.70
N ASP B 534 -10.30 1.91 28.40
CA ASP B 534 -9.46 2.25 27.21
C ASP B 534 -10.21 1.89 25.92
N SER B 535 -10.95 0.78 25.86
CA SER B 535 -11.81 0.45 24.69
C SER B 535 -13.14 1.24 24.67
N SER B 536 -13.59 1.82 25.81
CA SER B 536 -14.86 2.60 25.90
C SER B 536 -14.68 3.99 25.26
N GLN B 537 -13.44 4.47 25.17
CA GLN B 537 -13.08 5.84 24.71
C GLN B 537 -13.73 6.09 23.35
N GLY B 538 -14.25 7.30 23.13
CA GLY B 538 -15.00 7.69 21.91
C GLY B 538 -16.46 7.22 21.88
N SER B 539 -16.92 6.34 22.78
CA SER B 539 -18.27 5.74 22.79
C SER B 539 -19.12 6.24 23.97
N GLU B 540 -20.44 6.02 23.90
CA GLU B 540 -21.41 6.49 24.92
C GLU B 540 -22.55 5.48 25.07
N TYR B 541 -23.05 5.35 26.28
CA TYR B 541 -24.17 4.43 26.63
C TYR B 541 -25.10 5.13 27.60
N ASP B 542 -26.39 4.77 27.59
CA ASP B 542 -27.43 5.40 28.44
C ASP B 542 -27.02 5.23 29.89
N TYR B 543 -26.62 4.01 30.25
CA TYR B 543 -26.23 3.58 31.61
C TYR B 543 -24.88 2.87 31.59
N VAL B 544 -24.06 3.18 32.57
CA VAL B 544 -22.69 2.62 32.74
C VAL B 544 -22.61 2.09 34.15
N ILE B 545 -22.04 0.89 34.33
CA ILE B 545 -21.59 0.43 35.68
C ILE B 545 -20.08 0.33 35.64
N PHE B 546 -19.44 1.03 36.56
CA PHE B 546 -17.98 1.10 36.71
C PHE B 546 -17.61 0.55 38.08
N THR B 547 -16.80 -0.52 38.10
CA THR B 547 -16.06 -1.06 39.27
C THR B 547 -14.59 -0.71 39.05
N GLN B 548 -14.01 0.08 39.95
CA GLN B 548 -12.60 0.54 39.85
C GLN B 548 -11.70 -0.68 39.96
N THR B 549 -12.14 -1.68 40.72
CA THR B 549 -11.49 -3.01 40.87
C THR B 549 -10.35 -2.94 41.87
N THR B 550 -9.36 -2.09 41.62
CA THR B 550 -8.17 -1.93 42.47
C THR B 550 -8.01 -0.45 42.83
N GLU B 551 -7.06 -0.12 43.71
CA GLU B 551 -6.50 1.24 43.91
C GLU B 551 -5.07 1.31 43.39
N THR B 552 -4.83 0.94 42.13
CA THR B 552 -3.49 1.04 41.47
C THR B 552 -3.35 2.37 40.73
N ALA B 553 -2.14 2.70 40.27
CA ALA B 553 -1.87 3.91 39.47
C ALA B 553 -2.68 3.85 38.17
N HIS B 554 -2.97 2.63 37.71
CA HIS B 554 -3.77 2.31 36.48
C HIS B 554 -5.24 2.70 36.69
N SER B 555 -5.79 2.32 37.84
CA SER B 555 -7.23 2.37 38.15
C SER B 555 -7.57 3.76 38.67
N CYS B 556 -6.58 4.49 39.22
CA CYS B 556 -6.79 5.85 39.74
C CYS B 556 -6.26 6.88 38.76
N ASN B 557 -5.82 6.44 37.58
CA ASN B 557 -5.36 7.41 36.57
C ASN B 557 -6.55 8.34 36.27
N VAL B 558 -6.39 9.66 36.50
CA VAL B 558 -7.47 10.67 36.37
C VAL B 558 -7.98 10.70 34.93
N ASN B 559 -7.11 10.43 33.94
CA ASN B 559 -7.51 10.43 32.51
C ASN B 559 -8.41 9.22 32.26
N ARG B 560 -8.08 8.05 32.79
CA ARG B 560 -8.87 6.81 32.61
C ARG B 560 -10.20 7.00 33.35
N PHE B 561 -10.15 7.60 34.54
CA PHE B 561 -11.36 7.90 35.34
C PHE B 561 -12.28 8.84 34.58
N ASN B 562 -11.75 10.00 34.15
CA ASN B 562 -12.40 10.96 33.23
C ASN B 562 -13.11 10.20 32.11
N VAL B 563 -12.40 9.42 31.33
CA VAL B 563 -13.03 8.65 30.21
C VAL B 563 -14.13 7.76 30.79
N ALA B 564 -13.85 7.04 31.88
CA ALA B 564 -14.74 5.98 32.42
C ALA B 564 -16.13 6.56 32.64
N ILE B 565 -16.24 7.71 33.31
CA ILE B 565 -17.55 8.17 33.85
C ILE B 565 -18.29 9.01 32.80
N THR B 566 -17.57 9.54 31.80
CA THR B 566 -18.10 10.38 30.70
C THR B 566 -18.53 9.52 29.52
N ARG B 567 -18.65 8.20 29.68
CA ARG B 567 -19.32 7.37 28.65
C ARG B 567 -20.86 7.47 28.81
N ALA B 568 -21.33 7.90 29.98
CA ALA B 568 -22.74 7.76 30.39
C ALA B 568 -23.57 8.98 29.96
N LYS B 569 -24.71 8.72 29.32
CA LYS B 569 -25.70 9.75 28.88
C LYS B 569 -26.72 10.02 29.99
N VAL B 570 -27.14 9.00 30.71
CA VAL B 570 -28.35 9.04 31.60
C VAL B 570 -27.91 8.77 33.03
N GLY B 571 -27.33 7.58 33.26
CA GLY B 571 -26.91 7.19 34.60
C GLY B 571 -25.58 6.45 34.62
N ILE B 572 -24.93 6.47 35.79
CA ILE B 572 -23.71 5.69 36.09
C ILE B 572 -23.78 5.23 37.54
N LEU B 573 -23.35 4.00 37.83
CA LEU B 573 -23.02 3.49 39.18
C LEU B 573 -21.50 3.24 39.27
N CYS B 574 -20.87 3.82 40.27
CA CYS B 574 -19.41 3.75 40.48
C CYS B 574 -19.16 3.04 41.81
N ILE B 575 -18.66 1.81 41.75
CA ILE B 575 -18.16 1.08 42.94
C ILE B 575 -16.68 1.45 43.00
N MET B 576 -16.24 2.19 44.01
CA MET B 576 -14.88 2.80 44.06
C MET B 576 -14.01 2.04 45.08
N SER B 577 -12.70 2.04 44.82
CA SER B 577 -11.68 1.54 45.77
C SER B 577 -10.92 2.73 46.36
N ASP B 578 -10.82 3.83 45.59
CA ASP B 578 -10.01 5.02 45.91
C ASP B 578 -10.86 6.04 46.68
N ARG B 579 -10.54 6.27 47.94
CA ARG B 579 -11.19 7.29 48.81
C ARG B 579 -11.15 8.62 48.06
N ASP B 580 -9.95 9.01 47.59
CA ASP B 580 -9.68 10.26 46.84
C ASP B 580 -10.76 10.47 45.77
N LEU B 581 -10.91 9.55 44.83
CA LEU B 581 -11.77 9.73 43.62
C LEU B 581 -13.24 9.52 43.98
N TYR B 582 -13.49 8.68 44.99
CA TYR B 582 -14.85 8.47 45.52
C TYR B 582 -15.37 9.83 45.99
N ASP B 583 -14.60 10.52 46.83
CA ASP B 583 -15.03 11.80 47.43
C ASP B 583 -15.27 12.80 46.30
N LYS B 584 -14.28 12.98 45.42
CA LYS B 584 -14.34 13.96 44.29
C LYS B 584 -15.57 13.66 43.41
N LEU B 585 -16.13 12.44 43.47
CA LEU B 585 -17.32 12.09 42.65
C LEU B 585 -18.53 12.83 43.24
N GLN B 586 -19.20 13.66 42.44
CA GLN B 586 -20.35 14.48 42.90
C GLN B 586 -21.64 13.71 42.61
N PHE B 587 -21.73 12.50 43.16
CA PHE B 587 -22.83 11.54 42.92
C PHE B 587 -23.53 11.31 44.26
N THR B 588 -24.76 10.84 44.18
CA THR B 588 -25.53 10.33 45.32
C THR B 588 -24.84 9.07 45.83
N SER B 589 -24.33 9.10 47.07
CA SER B 589 -23.70 7.93 47.72
C SER B 589 -24.78 6.87 48.00
N LEU B 590 -24.52 5.62 47.63
CA LEU B 590 -25.38 4.46 47.98
C LEU B 590 -24.83 3.79 49.24
N GLU B 591 -25.75 3.23 50.03
CA GLU B 591 -25.49 2.47 51.28
C GLU B 591 -25.74 0.99 50.97
N ILE B 592 -24.75 0.15 51.32
CA ILE B 592 -24.82 -1.34 51.52
C ILE B 592 -23.38 -1.84 51.75
C10 JOV C . 8.99 -39.71 -37.79
C13 JOV C . 6.89 -39.58 -36.01
C01 JOV C . 13.71 -39.28 -37.70
C02 JOV C . 12.99 -39.77 -36.44
C03 JOV C . 13.70 -40.99 -35.82
C04 JOV C . 12.93 -38.63 -35.42
O05 JOV C . 14.21 -38.19 -35.03
N06 JOV C . 11.59 -40.15 -36.79
C07 JOV C . 10.60 -40.21 -35.91
O08 JOV C . 10.78 -40.38 -34.71
C09 JOV C . 9.21 -39.95 -36.43
C11 JOV C . 7.71 -39.45 -38.23
C12 JOV C . 6.66 -39.37 -37.35
C14 JOV C . 8.15 -39.87 -35.54
CL15 JOV C . 5.55 -39.51 -34.90
ZN ZN D . -16.77 12.59 -22.34
ZN ZN E . -9.06 22.86 -23.52
ZN ZN F . -35.68 20.55 -15.16
P PO4 G . 18.37 -13.46 -21.58
O1 PO4 G . 18.24 -12.72 -20.23
O2 PO4 G . 17.17 -14.38 -21.86
O3 PO4 G . 19.66 -14.29 -21.57
O4 PO4 G . 18.47 -12.46 -22.70
P PO4 H . 13.79 -14.55 -23.44
O1 PO4 H . 14.46 -14.39 -22.11
O2 PO4 H . 12.26 -14.46 -23.33
O3 PO4 H . 14.12 -15.87 -24.04
O4 PO4 H . 14.25 -13.43 -24.33
ZN ZN I . 45.09 -3.09 16.59
ZN ZN J . 25.17 5.84 19.42
ZN ZN K . 26.25 17.61 14.20
P PO4 L . -17.88 14.41 20.77
O1 PO4 L . -17.08 15.48 21.48
O2 PO4 L . -17.79 13.08 21.51
O3 PO4 L . -19.34 14.88 20.71
O4 PO4 L . -17.38 14.22 19.35
P PO4 M . -15.02 11.20 23.65
O1 PO4 M . -16.04 11.06 24.74
O2 PO4 M . -14.51 12.63 23.65
O3 PO4 M . -13.86 10.24 23.92
O4 PO4 M . -15.65 10.86 22.33
#